data_8TEI
#
_entry.id   8TEI
#
_cell.length_a   1.00
_cell.length_b   1.00
_cell.length_c   1.00
_cell.angle_alpha   90.00
_cell.angle_beta   90.00
_cell.angle_gamma   90.00
#
_symmetry.space_group_name_H-M   'P 1'
#
loop_
_entity.id
_entity.type
_entity.pdbx_description
1 polymer 'Boron transporter 1'
2 non-polymer '(2S)-3-(hexadecanoyloxy)-2-[(9Z)-octadec-9-enoyloxy]propyl 2-(trimethylammonio)ethyl phosphate'
3 water water
#
_entity_poly.entity_id   1
_entity_poly.type   'polypeptide(L)'
_entity_poly.pdbx_seq_one_letter_code
;MEETFVPFEGIKNDLKGRLMCYKQDWTGGFKAGFRILAPTTYIFFASAIPVISFGEQLERSTDGVLTAVQTLASTAICGM
IHSIIGGQPLLILGVAEPTVIMYTFMFNFAKARPELGRDLFLAWSGWVCVWTALMLFVLAICGACSIINRFTRVAGELFG
LLIAMLFMQQAIKGLVDEFRIPERENQKLKEFLPSWRFANGMFALVLSFGLLLTGLRSRKARSWRYGTGWLRSLIADYGV
PLMVLVWTGVSYIPAGDVPKGIPRRLFSPNPWSPGAYGNWTVVKEMLDVPIVYIIGAFIPASMIAVLYYFDHSVASQLAQ
QKEFNLRKPSSYHYDLLLLGFLTLMCGLLGVPPSNGVIPQSPMHTKSLATLKYQLLRNRLVATARRSIKTNASLGQLYDN
MQEAYHHMQTPLVYQQPQGLKELKESTIQATTFTGNLNAPVDETLFDIEKEIDDLLPVEVKEQRVSNLLQSTMVGGCVAA
MPILKMIPTSVLWGYFAFMAIESLPGNQFWERILLLFTAPSRRFKVLEDYHATFVETVPFKTIAMFTLFQTTYLLICFGL
TWIPIAGVMFPLMIMFLIPVRQYLLPRFFKGAHLQDLDAAEYEEAPALPFNLAAETEIGSTTSYPGDLEILDEVMTRSRG
EFRHTSSPKVTSSSSTPVNNRSLSQVFSPRVSGIRLGQMSPRVVGNSPKPASCGRSPLNQSSSNHHHHHHHHHH
;
_entity_poly.pdbx_strand_id   A,B
#
# COMPACT_ATOMS: atom_id res chain seq x y z
N PHE A 5 35.48 29.56 26.31
CA PHE A 5 34.26 29.63 27.17
C PHE A 5 34.20 30.95 27.94
N VAL A 6 34.77 31.99 27.36
CA VAL A 6 34.72 33.32 28.00
C VAL A 6 33.29 33.84 27.94
N PRO A 7 32.72 34.33 29.03
CA PRO A 7 31.32 34.74 29.01
C PRO A 7 31.06 35.83 27.99
N PHE A 8 29.91 35.73 27.32
CA PHE A 8 29.38 36.73 26.38
C PHE A 8 30.18 36.82 25.08
N GLU A 9 31.31 36.13 24.95
CA GLU A 9 32.10 36.25 23.73
C GLU A 9 31.34 35.71 22.53
N GLY A 10 30.72 34.54 22.67
CA GLY A 10 29.97 33.98 21.55
C GLY A 10 28.82 34.85 21.12
N ILE A 11 28.08 35.41 22.09
CA ILE A 11 26.96 36.27 21.75
C ILE A 11 27.44 37.51 21.00
N LYS A 12 28.52 38.13 21.47
CA LYS A 12 29.04 39.32 20.81
C LYS A 12 29.51 39.00 19.39
N ASN A 13 30.22 37.88 19.22
CA ASN A 13 30.70 37.51 17.90
C ASN A 13 29.52 37.25 16.95
N ASP A 14 28.50 36.54 17.44
CA ASP A 14 27.33 36.25 16.60
C ASP A 14 26.60 37.53 16.22
N LEU A 15 26.42 38.43 17.17
CA LEU A 15 25.74 39.70 16.87
C LEU A 15 26.54 40.51 15.86
N LYS A 16 27.87 40.56 16.03
CA LYS A 16 28.70 41.28 15.07
C LYS A 16 28.57 40.68 13.68
N GLY A 17 28.61 39.35 13.59
CA GLY A 17 28.50 38.71 12.29
C GLY A 17 27.16 38.95 11.62
N ARG A 18 26.07 38.86 12.39
CA ARG A 18 24.73 38.96 11.83
C ARG A 18 24.28 40.40 11.63
N LEU A 19 24.96 41.38 12.23
CA LEU A 19 24.56 42.78 12.07
C LEU A 19 25.11 43.39 10.78
N MET A 20 26.07 42.75 10.12
CA MET A 20 26.60 43.25 8.87
C MET A 20 25.80 42.80 7.65
N CYS A 21 24.74 42.00 7.84
CA CYS A 21 23.96 41.46 6.73
C CYS A 21 22.46 41.50 7.02
N TYR A 22 22.01 42.43 7.86
CA TYR A 22 20.60 42.52 8.20
C TYR A 22 19.80 43.20 7.09
N LYS A 23 20.20 44.43 6.75
CA LYS A 23 19.56 45.13 5.64
C LYS A 23 19.60 44.27 4.38
N GLN A 24 20.71 43.55 4.16
CA GLN A 24 20.79 42.65 3.02
C GLN A 24 19.82 41.49 3.16
N ASP A 25 19.69 40.94 4.37
CA ASP A 25 18.74 39.86 4.59
C ASP A 25 17.34 40.28 4.19
N TRP A 26 16.99 41.55 4.45
CA TRP A 26 15.64 41.99 4.11
C TRP A 26 15.53 42.35 2.62
N THR A 27 16.52 43.06 2.07
CA THR A 27 16.45 43.47 0.67
C THR A 27 16.45 42.27 -0.26
N GLY A 28 17.31 41.28 0.00
CA GLY A 28 17.31 40.09 -0.83
C GLY A 28 15.97 39.37 -0.83
N GLY A 29 15.30 39.33 0.32
CA GLY A 29 13.97 38.77 0.35
C GLY A 29 12.98 39.58 -0.46
N PHE A 30 13.03 40.91 -0.34
CA PHE A 30 12.16 41.74 -1.15
C PHE A 30 12.49 41.65 -2.63
N LYS A 31 13.78 41.58 -2.99
CA LYS A 31 14.16 41.51 -4.40
C LYS A 31 13.67 40.22 -5.06
N ALA A 32 13.43 39.16 -4.29
CA ALA A 32 12.95 37.93 -4.88
C ALA A 32 11.54 38.07 -5.44
N GLY A 33 10.78 39.05 -4.98
CA GLY A 33 9.44 39.26 -5.50
C GLY A 33 8.47 38.16 -5.07
N PHE A 34 7.43 37.99 -5.88
CA PHE A 34 6.41 37.00 -5.61
C PHE A 34 6.91 35.56 -5.72
N ARG A 35 8.11 35.35 -6.29
CA ARG A 35 8.68 34.02 -6.36
C ARG A 35 9.08 33.47 -5.00
N ILE A 36 9.10 34.32 -3.96
CA ILE A 36 9.39 33.85 -2.62
C ILE A 36 8.22 33.14 -1.97
N LEU A 37 7.04 33.18 -2.61
CA LEU A 37 5.84 32.59 -2.00
C LEU A 37 5.88 31.06 -2.01
N ALA A 38 6.42 30.45 -3.07
CA ALA A 38 6.40 28.99 -3.15
C ALA A 38 7.13 28.32 -1.99
N PRO A 39 8.39 28.66 -1.70
CA PRO A 39 9.00 28.09 -0.48
C PRO A 39 8.24 28.46 0.77
N THR A 40 7.69 29.67 0.83
CA THR A 40 6.92 30.08 1.99
C THR A 40 5.70 29.20 2.19
N THR A 41 4.95 28.95 1.12
CA THR A 41 3.77 28.09 1.24
C THR A 41 4.16 26.65 1.58
N TYR A 42 5.23 26.16 0.95
CA TYR A 42 5.70 24.80 1.23
C TYR A 42 6.03 24.63 2.69
N ILE A 43 6.83 25.54 3.25
CA ILE A 43 7.21 25.43 4.66
C ILE A 43 6.02 25.71 5.58
N PHE A 44 5.11 26.60 5.18
CA PHE A 44 3.93 26.86 6.00
C PHE A 44 3.08 25.60 6.13
N PHE A 45 2.88 24.87 5.03
CA PHE A 45 2.14 23.62 5.10
C PHE A 45 2.92 22.56 5.86
N ALA A 46 4.24 22.55 5.74
CA ALA A 46 5.05 21.60 6.49
C ALA A 46 4.96 21.87 7.99
N SER A 47 4.73 23.12 8.39
CA SER A 47 4.72 23.49 9.80
C SER A 47 3.34 23.43 10.44
N ALA A 48 2.30 23.87 9.74
CA ALA A 48 1.01 24.05 10.38
C ALA A 48 0.38 22.72 10.79
N ILE A 49 0.35 21.75 9.87
CA ILE A 49 -0.36 20.50 10.14
C ILE A 49 0.18 19.78 11.36
N PRO A 50 1.49 19.56 11.51
CA PRO A 50 1.98 18.95 12.75
C PRO A 50 1.62 19.76 13.98
N VAL A 51 1.60 21.08 13.88
CA VAL A 51 1.22 21.91 15.01
C VAL A 51 -0.23 21.67 15.40
N ILE A 52 -1.12 21.56 14.41
CA ILE A 52 -2.52 21.28 14.69
C ILE A 52 -2.67 19.91 15.33
N SER A 53 -1.91 18.92 14.83
CA SER A 53 -1.97 17.59 15.41
C SER A 53 -1.51 17.60 16.86
N PHE A 54 -0.42 18.31 17.16
CA PHE A 54 0.04 18.43 18.53
C PHE A 54 -0.99 19.14 19.40
N GLY A 55 -1.66 20.14 18.84
CA GLY A 55 -2.70 20.81 19.59
C GLY A 55 -3.86 19.89 19.96
N GLU A 56 -4.28 19.05 19.01
CA GLU A 56 -5.32 18.07 19.33
C GLU A 56 -4.84 17.08 20.37
N GLN A 57 -3.58 16.64 20.25
CA GLN A 57 -3.00 15.75 21.25
C GLN A 57 -3.07 16.37 22.63
N LEU A 58 -2.67 17.64 22.74
CA LEU A 58 -2.72 18.32 24.03
C LEU A 58 -4.16 18.47 24.53
N GLU A 59 -5.08 18.80 23.62
CA GLU A 59 -6.48 18.91 24.00
C GLU A 59 -6.98 17.62 24.64
N ARG A 60 -6.59 16.47 24.06
CA ARG A 60 -6.98 15.21 24.66
C ARG A 60 -6.19 14.92 25.94
N SER A 61 -4.97 15.43 26.07
CA SER A 61 -4.12 15.11 27.20
C SER A 61 -4.20 16.13 28.34
N THR A 62 -4.75 17.32 28.09
CA THR A 62 -4.81 18.37 29.09
C THR A 62 -6.24 18.74 29.48
N ASP A 63 -7.20 17.88 29.16
CA ASP A 63 -8.60 18.13 29.48
C ASP A 63 -9.08 19.46 28.92
N GLY A 64 -8.60 19.79 27.72
CA GLY A 64 -9.06 20.97 27.01
C GLY A 64 -8.40 22.28 27.40
N VAL A 65 -7.45 22.26 28.33
CA VAL A 65 -6.79 23.51 28.72
C VAL A 65 -5.97 24.06 27.56
N LEU A 66 -5.21 23.21 26.89
CA LEU A 66 -4.39 23.59 25.75
C LEU A 66 -4.94 22.93 24.50
N THR A 67 -5.01 23.69 23.40
CA THR A 67 -5.59 23.22 22.15
C THR A 67 -4.70 23.68 21.00
N ALA A 68 -5.19 23.48 19.78
CA ALA A 68 -4.44 23.91 18.59
C ALA A 68 -4.31 25.42 18.53
N VAL A 69 -5.23 26.15 19.17
CA VAL A 69 -5.15 27.61 19.18
C VAL A 69 -3.85 28.05 19.84
N GLN A 70 -3.55 27.51 21.02
CA GLN A 70 -2.35 27.90 21.74
C GLN A 70 -1.09 27.51 20.98
N THR A 71 -1.06 26.30 20.42
CA THR A 71 0.12 25.86 19.68
C THR A 71 0.36 26.74 18.46
N LEU A 72 -0.71 27.04 17.71
CA LEU A 72 -0.56 27.90 16.55
C LEU A 72 -0.10 29.29 16.94
N ALA A 73 -0.66 29.84 18.02
CA ALA A 73 -0.26 31.17 18.46
C ALA A 73 1.21 31.20 18.86
N SER A 74 1.65 30.20 19.63
CA SER A 74 3.04 30.14 20.04
C SER A 74 3.96 30.03 18.83
N THR A 75 3.65 29.10 17.92
CA THR A 75 4.47 28.94 16.73
C THR A 75 4.57 30.24 15.95
N ALA A 76 3.43 30.90 15.71
CA ALA A 76 3.43 32.11 14.92
C ALA A 76 4.24 33.22 15.59
N ILE A 77 3.98 33.47 16.87
CA ILE A 77 4.65 34.58 17.55
C ILE A 77 6.15 34.33 17.61
N CYS A 78 6.55 33.12 18.00
CA CYS A 78 7.97 32.81 18.10
C CYS A 78 8.64 32.91 16.74
N GLY A 79 7.99 32.40 15.70
CA GLY A 79 8.59 32.48 14.37
C GLY A 79 8.77 33.91 13.89
N MET A 80 7.74 34.75 14.09
CA MET A 80 7.86 36.14 13.67
C MET A 80 8.96 36.86 14.44
N ILE A 81 9.02 36.66 15.76
CA ILE A 81 10.04 37.35 16.56
C ILE A 81 11.44 36.87 16.15
N HIS A 82 11.60 35.56 15.94
CA HIS A 82 12.89 35.03 15.51
C HIS A 82 13.28 35.57 14.15
N SER A 83 12.31 35.67 13.23
CA SER A 83 12.61 36.20 11.91
C SER A 83 13.06 37.66 12.00
N ILE A 84 12.40 38.45 12.83
CA ILE A 84 12.72 39.88 12.89
C ILE A 84 14.05 40.11 13.59
N ILE A 85 14.28 39.48 14.74
CA ILE A 85 15.45 39.78 15.57
C ILE A 85 16.33 38.56 15.80
N GLY A 86 16.01 37.43 15.16
CA GLY A 86 16.83 36.25 15.33
C GLY A 86 18.12 36.30 14.54
N GLY A 87 19.02 35.37 14.85
CA GLY A 87 20.31 35.31 14.21
C GLY A 87 20.29 34.50 12.91
N GLN A 88 19.66 33.33 12.94
CA GLN A 88 19.62 32.44 11.78
C GLN A 88 18.18 32.34 11.28
N PRO A 89 17.76 33.15 10.31
CA PRO A 89 16.37 33.07 9.84
C PRO A 89 16.01 31.76 9.18
N LEU A 90 16.99 31.00 8.69
CA LEU A 90 16.69 29.71 8.08
C LEU A 90 16.10 28.73 9.07
N LEU A 91 16.31 28.95 10.37
CA LEU A 91 15.77 28.06 11.39
C LEU A 91 14.27 28.29 11.54
N ILE A 92 13.52 27.19 11.55
CA ILE A 92 12.06 27.23 11.68
C ILE A 92 11.70 26.81 13.10
N LEU A 93 10.86 27.61 13.75
CA LEU A 93 10.43 27.36 15.12
C LEU A 93 9.00 26.84 15.14
N GLY A 94 8.74 25.94 16.08
CA GLY A 94 7.39 25.39 16.23
C GLY A 94 7.33 24.51 17.46
N VAL A 95 6.10 24.18 17.83
CA VAL A 95 5.85 23.30 18.97
C VAL A 95 6.16 21.87 18.55
N ALA A 96 6.93 21.18 19.36
CA ALA A 96 7.42 19.85 19.05
C ALA A 96 6.82 18.81 20.00
N GLU A 97 6.92 17.54 19.59
CA GLU A 97 6.37 16.45 20.39
C GLU A 97 6.97 16.37 21.79
N PRO A 98 8.29 16.49 21.98
CA PRO A 98 8.82 16.42 23.36
C PRO A 98 8.21 17.44 24.29
N THR A 99 7.95 18.66 23.81
CA THR A 99 7.29 19.66 24.63
C THR A 99 5.89 19.19 25.02
N VAL A 100 5.17 18.58 24.09
CA VAL A 100 3.85 18.05 24.38
C VAL A 100 3.94 16.99 25.46
N ILE A 101 4.93 16.10 25.38
CA ILE A 101 5.08 15.04 26.36
C ILE A 101 5.37 15.62 27.74
N MET A 102 6.29 16.59 27.80
CA MET A 102 6.63 17.18 29.08
C MET A 102 5.43 17.91 29.69
N TYR A 103 4.66 18.62 28.86
CA TYR A 103 3.48 19.30 29.38
C TYR A 103 2.41 18.31 29.81
N THR A 104 2.30 17.17 29.13
CA THR A 104 1.38 16.13 29.59
C THR A 104 1.79 15.60 30.96
N PHE A 105 3.08 15.35 31.15
CA PHE A 105 3.57 14.92 32.46
C PHE A 105 3.25 15.97 33.53
N MET A 106 3.50 17.23 33.21
CA MET A 106 3.26 18.30 34.17
C MET A 106 1.77 18.41 34.51
N PHE A 107 0.90 18.28 33.51
CA PHE A 107 -0.54 18.31 33.77
C PHE A 107 -0.97 17.14 34.64
N ASN A 108 -0.46 15.95 34.37
CA ASN A 108 -0.79 14.80 35.20
C ASN A 108 -0.35 15.01 36.63
N PHE A 109 0.86 15.57 36.82
CA PHE A 109 1.32 15.87 38.17
C PHE A 109 0.43 16.89 38.86
N ALA A 110 0.08 17.96 38.15
CA ALA A 110 -0.70 19.04 38.77
C ALA A 110 -2.10 18.57 39.13
N LYS A 111 -2.73 17.76 38.28
CA LYS A 111 -4.10 17.34 38.52
C LYS A 111 -4.22 16.54 39.80
N ALA A 112 -3.20 15.73 40.13
CA ALA A 112 -3.26 14.87 41.30
C ALA A 112 -2.93 15.59 42.60
N ARG A 113 -2.49 16.84 42.53
CA ARG A 113 -2.15 17.61 43.73
C ARG A 113 -3.20 18.68 43.95
N PRO A 114 -4.00 18.63 45.03
CA PRO A 114 -5.03 19.66 45.22
C PRO A 114 -4.48 21.06 45.35
N GLU A 115 -3.26 21.22 45.86
CA GLU A 115 -2.71 22.56 46.05
C GLU A 115 -2.59 23.32 44.74
N LEU A 116 -2.34 22.61 43.63
CA LEU A 116 -2.27 23.24 42.31
C LEU A 116 -3.57 23.06 41.53
N GLY A 117 -3.97 21.82 41.30
CA GLY A 117 -5.19 21.56 40.56
C GLY A 117 -5.07 21.96 39.10
N ARG A 118 -6.19 21.80 38.38
CA ARG A 118 -6.23 22.20 36.98
C ARG A 118 -6.20 23.71 36.81
N ASP A 119 -6.69 24.46 37.79
CA ASP A 119 -6.75 25.92 37.67
C ASP A 119 -5.39 26.58 37.71
N LEU A 120 -4.39 25.96 38.33
CA LEU A 120 -3.05 26.53 38.45
C LEU A 120 -2.04 25.82 37.55
N PHE A 121 -2.50 24.95 36.65
CA PHE A 121 -1.58 24.24 35.76
C PHE A 121 -0.82 25.21 34.88
N LEU A 122 -1.51 26.19 34.31
CA LEU A 122 -0.84 27.15 33.42
C LEU A 122 0.11 28.05 34.19
N ALA A 123 -0.24 28.42 35.41
CA ALA A 123 0.67 29.22 36.22
C ALA A 123 1.93 28.45 36.57
N TRP A 124 1.79 27.18 36.95
CA TRP A 124 2.95 26.36 37.23
C TRP A 124 3.80 26.17 35.98
N SER A 125 3.14 26.02 34.82
CA SER A 125 3.88 25.94 33.56
C SER A 125 4.64 27.24 33.28
N GLY A 126 4.04 28.38 33.62
CA GLY A 126 4.74 29.65 33.45
C GLY A 126 5.97 29.75 34.32
N TRP A 127 5.87 29.29 35.57
CA TRP A 127 7.06 29.26 36.42
C TRP A 127 8.12 28.31 35.87
N VAL A 128 7.69 27.16 35.35
CA VAL A 128 8.61 26.23 34.71
C VAL A 128 9.33 26.91 33.55
N CYS A 129 8.58 27.67 32.75
CA CYS A 129 9.16 28.37 31.62
C CYS A 129 10.13 29.46 32.07
N VAL A 130 9.83 30.13 33.18
CA VAL A 130 10.78 31.11 33.72
C VAL A 130 12.09 30.43 34.09
N TRP A 131 12.00 29.29 34.77
CA TRP A 131 13.23 28.56 35.12
C TRP A 131 13.97 28.13 33.87
N THR A 132 13.25 27.64 32.86
CA THR A 132 13.89 27.22 31.61
C THR A 132 14.58 28.38 30.94
N ALA A 133 13.95 29.56 30.93
CA ALA A 133 14.57 30.74 30.33
C ALA A 133 15.85 31.12 31.06
N LEU A 134 15.84 31.06 32.40
CA LEU A 134 17.06 31.34 33.14
C LEU A 134 18.15 30.33 32.80
N MET A 135 17.79 29.05 32.71
CA MET A 135 18.78 28.03 32.36
C MET A 135 19.38 28.29 30.98
N LEU A 136 18.53 28.64 30.01
CA LEU A 136 19.02 28.90 28.67
C LEU A 136 19.89 30.16 28.62
N PHE A 137 19.53 31.17 29.40
CA PHE A 137 20.38 32.35 29.51
C PHE A 137 21.76 31.96 30.02
N VAL A 138 21.81 31.15 31.08
CA VAL A 138 23.10 30.74 31.63
C VAL A 138 23.90 29.96 30.58
N LEU A 139 23.24 29.01 29.91
CA LEU A 139 23.95 28.21 28.91
C LEU A 139 24.50 29.07 27.79
N ALA A 140 23.70 30.01 27.27
CA ALA A 140 24.16 30.86 26.19
C ALA A 140 25.30 31.76 26.64
N ILE A 141 25.21 32.31 27.84
CA ILE A 141 26.25 33.23 28.32
C ILE A 141 27.56 32.49 28.56
N CYS A 142 27.48 31.26 29.07
CA CYS A 142 28.68 30.50 29.38
C CYS A 142 29.29 29.80 28.17
N GLY A 143 28.72 29.99 27.00
CA GLY A 143 29.27 29.38 25.79
C GLY A 143 29.17 27.87 25.77
N ALA A 144 28.07 27.32 26.27
CA ALA A 144 27.86 25.88 26.23
C ALA A 144 27.62 25.38 24.81
N CYS A 145 27.28 26.27 23.87
CA CYS A 145 27.05 25.87 22.49
C CYS A 145 28.35 25.61 21.73
N SER A 146 29.50 25.91 22.32
CA SER A 146 30.78 25.63 21.67
C SER A 146 31.07 24.14 21.59
N ILE A 147 30.32 23.31 22.30
CA ILE A 147 30.57 21.87 22.35
C ILE A 147 29.45 21.09 21.64
N ILE A 148 28.68 21.75 20.77
CA ILE A 148 27.63 21.06 20.03
C ILE A 148 28.19 20.05 19.04
N ASN A 149 29.48 20.12 18.71
CA ASN A 149 30.07 19.13 17.84
C ASN A 149 30.03 17.73 18.44
N ARG A 150 29.84 17.63 19.76
CA ARG A 150 29.71 16.35 20.44
C ARG A 150 28.30 15.79 20.37
N PHE A 151 27.34 16.55 19.82
CA PHE A 151 25.99 16.02 19.57
C PHE A 151 26.08 15.12 18.34
N THR A 152 26.58 13.91 18.58
CA THR A 152 26.93 13.00 17.51
C THR A 152 25.69 12.29 16.96
N ARG A 153 25.93 11.42 15.97
CA ARG A 153 24.83 10.76 15.28
C ARG A 153 24.05 9.83 16.20
N VAL A 154 24.73 9.17 17.15
CA VAL A 154 24.05 8.18 17.98
C VAL A 154 22.88 8.82 18.73
N ALA A 155 23.13 9.94 19.39
CA ALA A 155 22.09 10.59 20.18
C ALA A 155 20.95 11.10 19.31
N GLY A 156 21.29 11.75 18.18
CA GLY A 156 20.25 12.28 17.31
C GLY A 156 19.36 11.20 16.75
N GLU A 157 19.96 10.12 16.26
CA GLU A 157 19.16 9.03 15.69
C GLU A 157 18.34 8.33 16.76
N LEU A 158 18.91 8.14 17.95
CA LEU A 158 18.13 7.53 19.03
C LEU A 158 16.94 8.39 19.39
N PHE A 159 17.14 9.71 19.49
CA PHE A 159 16.04 10.61 19.79
C PHE A 159 14.98 10.58 18.69
N GLY A 160 15.42 10.57 17.43
CA GLY A 160 14.47 10.52 16.34
C GLY A 160 13.62 9.26 16.37
N LEU A 161 14.25 8.11 16.61
CA LEU A 161 13.50 6.87 16.68
C LEU A 161 12.55 6.89 17.88
N LEU A 162 12.98 7.45 19.01
CA LEU A 162 12.10 7.55 20.16
C LEU A 162 10.87 8.40 19.84
N ILE A 163 11.07 9.53 19.18
CA ILE A 163 9.94 10.38 18.79
C ILE A 163 9.04 9.65 17.79
N ALA A 164 9.62 8.83 16.91
CA ALA A 164 8.81 8.04 15.99
C ALA A 164 7.93 7.05 16.75
N MET A 165 8.51 6.37 17.74
CA MET A 165 7.71 5.46 18.57
C MET A 165 6.57 6.20 19.25
N LEU A 166 6.86 7.39 19.78
CA LEU A 166 5.82 8.18 20.44
C LEU A 166 4.73 8.59 19.45
N PHE A 167 5.12 8.96 18.23
CA PHE A 167 4.14 9.30 17.20
C PHE A 167 3.21 8.13 16.93
N MET A 168 3.77 6.95 16.71
CA MET A 168 2.94 5.79 16.40
C MET A 168 2.06 5.42 17.60
N GLN A 169 2.59 5.56 18.81
CA GLN A 169 1.80 5.30 20.00
C GLN A 169 0.61 6.24 20.07
N GLN A 170 0.83 7.52 19.78
CA GLN A 170 -0.28 8.48 19.80
C GLN A 170 -1.30 8.16 18.71
N ALA A 171 -0.83 7.74 17.54
CA ALA A 171 -1.76 7.38 16.47
C ALA A 171 -2.65 6.21 16.90
N ILE A 172 -2.04 5.17 17.48
CA ILE A 172 -2.82 4.03 17.96
C ILE A 172 -3.79 4.46 19.06
N LYS A 173 -3.32 5.32 19.96
CA LYS A 173 -4.16 5.82 21.04
C LYS A 173 -5.40 6.52 20.48
N GLY A 174 -5.19 7.42 19.52
CA GLY A 174 -6.32 8.14 18.95
C GLY A 174 -7.28 7.23 18.21
N LEU A 175 -6.75 6.30 17.42
CA LEU A 175 -7.64 5.38 16.70
C LEU A 175 -8.44 4.51 17.66
N VAL A 176 -7.82 4.05 18.75
CA VAL A 176 -8.57 3.28 19.74
C VAL A 176 -9.66 4.13 20.38
N ASP A 177 -9.32 5.37 20.75
CA ASP A 177 -10.30 6.24 21.39
C ASP A 177 -11.43 6.63 20.46
N GLU A 178 -11.21 6.58 19.14
CA GLU A 178 -12.30 6.85 18.20
C GLU A 178 -13.45 5.88 18.37
N PHE A 179 -13.22 4.71 18.96
CA PHE A 179 -14.27 3.73 19.22
C PHE A 179 -14.98 3.97 20.55
N ARG A 180 -14.58 4.97 21.32
CA ARG A 180 -15.05 5.16 22.68
C ARG A 180 -15.74 6.52 22.84
N ILE A 181 -16.43 6.67 23.96
CA ILE A 181 -17.10 7.93 24.28
C ILE A 181 -16.07 8.92 24.82
N PRO A 182 -16.00 10.14 24.30
CA PRO A 182 -15.09 11.12 24.88
C PRO A 182 -15.43 11.41 26.34
N GLU A 183 -14.38 11.74 27.11
CA GLU A 183 -14.56 11.93 28.54
C GLU A 183 -15.47 13.11 28.84
N ARG A 184 -15.34 14.20 28.09
CA ARG A 184 -16.03 15.46 28.37
C ARG A 184 -17.09 15.77 27.31
N GLU A 185 -17.85 14.76 26.89
CA GLU A 185 -18.93 14.93 25.94
C GLU A 185 -20.21 14.32 26.49
N ASN A 186 -21.34 14.87 26.07
CA ASN A 186 -22.63 14.38 26.53
C ASN A 186 -22.82 12.94 26.07
N GLN A 187 -22.95 12.02 27.03
CA GLN A 187 -23.06 10.60 26.73
C GLN A 187 -24.42 10.21 26.18
N LYS A 188 -25.40 11.11 26.21
CA LYS A 188 -26.75 10.80 25.75
C LYS A 188 -26.97 11.12 24.28
N LEU A 189 -25.97 11.67 23.60
CA LEU A 189 -26.13 12.00 22.19
C LEU A 189 -26.25 10.73 21.35
N LYS A 190 -26.95 10.85 20.22
CA LYS A 190 -27.18 9.69 19.36
C LYS A 190 -25.88 9.19 18.74
N GLU A 191 -24.93 10.09 18.47
CA GLU A 191 -23.68 9.69 17.84
C GLU A 191 -22.84 8.79 18.72
N PHE A 192 -23.13 8.74 20.03
CA PHE A 192 -22.33 7.97 20.97
C PHE A 192 -22.96 6.62 21.30
N LEU A 193 -23.99 6.21 20.57
CA LEU A 193 -24.52 4.87 20.73
C LEU A 193 -23.51 3.84 20.23
N PRO A 194 -23.59 2.61 20.72
CA PRO A 194 -22.59 1.61 20.31
C PRO A 194 -22.47 1.44 18.81
N SER A 195 -23.60 1.43 18.10
CA SER A 195 -23.56 1.25 16.65
C SER A 195 -22.85 2.40 15.96
N TRP A 196 -23.23 3.64 16.31
CA TRP A 196 -22.60 4.80 15.69
C TRP A 196 -21.14 4.92 16.11
N ARG A 197 -20.81 4.55 17.35
CA ARG A 197 -19.43 4.56 17.77
C ARG A 197 -18.59 3.56 16.97
N PHE A 198 -19.12 2.36 16.75
CA PHE A 198 -18.41 1.37 15.94
C PHE A 198 -18.23 1.86 14.51
N ALA A 199 -19.28 2.46 13.94
CA ALA A 199 -19.18 3.02 12.60
C ALA A 199 -18.14 4.13 12.54
N ASN A 200 -18.11 5.00 13.55
CA ASN A 200 -17.12 6.06 13.59
C ASN A 200 -15.71 5.49 13.66
N GLY A 201 -15.51 4.44 14.46
CA GLY A 201 -14.20 3.83 14.54
C GLY A 201 -13.73 3.26 13.21
N MET A 202 -14.61 2.53 12.53
CA MET A 202 -14.22 1.96 11.23
C MET A 202 -13.98 3.06 10.19
N PHE A 203 -14.81 4.09 10.18
CA PHE A 203 -14.59 5.21 9.26
C PHE A 203 -13.25 5.88 9.56
N ALA A 204 -12.92 6.03 10.84
CA ALA A 204 -11.63 6.60 11.22
C ALA A 204 -10.48 5.74 10.72
N LEU A 205 -10.59 4.41 10.85
CA LEU A 205 -9.55 3.53 10.33
C LEU A 205 -9.38 3.73 8.84
N VAL A 206 -10.50 3.75 8.10
CA VAL A 206 -10.43 3.92 6.65
C VAL A 206 -9.72 5.23 6.30
N LEU A 207 -10.15 6.32 6.91
CA LEU A 207 -9.60 7.63 6.58
C LEU A 207 -8.11 7.72 6.93
N SER A 208 -7.74 7.23 8.12
CA SER A 208 -6.36 7.32 8.56
C SER A 208 -5.44 6.51 7.65
N PHE A 209 -5.82 5.27 7.34
CA PHE A 209 -4.96 4.45 6.49
C PHE A 209 -4.89 5.00 5.08
N GLY A 210 -6.00 5.51 4.56
CA GLY A 210 -5.96 6.13 3.25
C GLY A 210 -5.01 7.32 3.21
N LEU A 211 -5.13 8.21 4.20
CA LEU A 211 -4.22 9.34 4.28
C LEU A 211 -2.77 8.89 4.32
N LEU A 212 -2.46 7.93 5.21
CA LEU A 212 -1.07 7.50 5.37
C LEU A 212 -0.52 6.94 4.07
N LEU A 213 -1.23 5.98 3.47
CA LEU A 213 -0.71 5.32 2.27
C LEU A 213 -0.61 6.31 1.11
N THR A 214 -1.63 7.15 0.92
CA THR A 214 -1.60 8.09 -0.18
C THR A 214 -0.46 9.09 -0.03
N GLY A 215 -0.23 9.58 1.19
CA GLY A 215 0.90 10.49 1.40
C GLY A 215 2.23 9.82 1.15
N LEU A 216 2.39 8.58 1.61
CA LEU A 216 3.64 7.88 1.37
C LEU A 216 3.89 7.70 -0.11
N ARG A 217 2.85 7.35 -0.87
CA ARG A 217 3.00 7.23 -2.32
C ARG A 217 3.31 8.59 -2.96
N SER A 218 2.63 9.65 -2.50
CA SER A 218 2.81 10.97 -3.11
C SER A 218 4.20 11.51 -2.87
N ARG A 219 4.87 11.07 -1.80
CA ARG A 219 6.19 11.63 -1.49
C ARG A 219 7.18 11.39 -2.62
N LYS A 220 6.94 10.41 -3.48
CA LYS A 220 7.84 10.09 -4.58
C LYS A 220 7.22 10.40 -5.94
N ALA A 221 6.46 11.49 -6.04
CA ALA A 221 5.77 11.80 -7.29
C ALA A 221 6.73 12.28 -8.39
N ARG A 222 7.81 12.97 -8.01
CA ARG A 222 8.72 13.53 -9.02
C ARG A 222 9.43 12.46 -9.83
N SER A 223 9.45 11.22 -9.37
CA SER A 223 10.06 10.12 -10.11
C SER A 223 9.07 9.42 -11.04
N TRP A 224 7.82 9.87 -11.08
CA TRP A 224 6.82 9.23 -11.92
C TRP A 224 7.05 9.58 -13.38
N ARG A 225 6.50 8.74 -14.26
CA ARG A 225 6.49 8.96 -15.69
C ARG A 225 5.15 9.46 -16.20
N TYR A 226 4.28 9.92 -15.31
CA TYR A 226 2.92 10.32 -15.65
C TYR A 226 2.71 11.78 -15.31
N GLY A 227 1.79 12.41 -16.05
CA GLY A 227 1.44 13.80 -15.81
C GLY A 227 2.52 14.75 -16.27
N THR A 228 2.34 16.01 -15.88
CA THR A 228 3.30 17.06 -16.21
C THR A 228 4.31 17.23 -15.08
N GLY A 229 5.43 17.88 -15.41
CA GLY A 229 6.45 18.13 -14.41
C GLY A 229 5.95 18.99 -13.28
N TRP A 230 5.19 20.05 -13.62
CA TRP A 230 4.65 20.92 -12.58
C TRP A 230 3.68 20.17 -11.68
N LEU A 231 2.84 19.31 -12.26
CA LEU A 231 1.91 18.54 -11.43
C LEU A 231 2.65 17.56 -10.54
N ARG A 232 3.68 16.90 -11.06
CA ARG A 232 4.47 16.00 -10.25
C ARG A 232 5.12 16.73 -9.08
N SER A 233 5.71 17.90 -9.36
CA SER A 233 6.33 18.68 -8.29
C SER A 233 5.30 19.13 -7.26
N LEU A 234 4.13 19.56 -7.73
CA LEU A 234 3.08 20.01 -6.82
C LEU A 234 2.64 18.86 -5.90
N ILE A 235 2.47 17.67 -6.46
CA ILE A 235 2.09 16.52 -5.64
C ILE A 235 3.20 16.22 -4.64
N ALA A 236 4.45 16.14 -5.11
CA ALA A 236 5.55 15.80 -4.22
C ALA A 236 5.69 16.82 -3.10
N ASP A 237 5.30 18.07 -3.34
CA ASP A 237 5.47 19.12 -2.35
C ASP A 237 4.28 19.23 -1.39
N TYR A 238 3.06 19.02 -1.88
CA TYR A 238 1.85 19.29 -1.10
C TYR A 238 0.92 18.09 -1.03
N GLY A 239 1.47 16.87 -1.10
CA GLY A 239 0.63 15.69 -0.96
C GLY A 239 -0.06 15.62 0.39
N VAL A 240 0.63 16.00 1.45
CA VAL A 240 0.08 15.91 2.80
C VAL A 240 -1.16 16.79 2.88
N PRO A 241 -1.06 18.11 2.65
CA PRO A 241 -2.29 18.94 2.66
C PRO A 241 -3.31 18.50 1.63
N LEU A 242 -2.86 18.12 0.43
CA LEU A 242 -3.79 17.69 -0.60
C LEU A 242 -4.55 16.44 -0.18
N MET A 243 -3.84 15.46 0.39
CA MET A 243 -4.51 14.26 0.86
C MET A 243 -5.42 14.55 2.04
N VAL A 244 -5.02 15.48 2.92
CA VAL A 244 -5.89 15.87 4.02
C VAL A 244 -7.21 16.42 3.47
N LEU A 245 -7.12 17.31 2.48
CA LEU A 245 -8.32 17.87 1.87
C LEU A 245 -9.16 16.78 1.21
N VAL A 246 -8.51 15.87 0.46
CA VAL A 246 -9.23 14.83 -0.25
C VAL A 246 -9.99 13.94 0.73
N TRP A 247 -9.33 13.54 1.81
CA TRP A 247 -9.97 12.63 2.75
C TRP A 247 -10.99 13.33 3.64
N THR A 248 -10.85 14.64 3.88
CA THR A 248 -11.93 15.39 4.49
C THR A 248 -13.16 15.38 3.59
N GLY A 249 -12.96 15.64 2.30
CA GLY A 249 -14.07 15.57 1.36
C GLY A 249 -14.72 14.20 1.34
N VAL A 250 -13.90 13.14 1.39
CA VAL A 250 -14.42 11.79 1.47
C VAL A 250 -15.25 11.63 2.75
N SER A 251 -14.76 12.15 3.86
CA SER A 251 -15.48 12.07 5.12
C SER A 251 -16.83 12.77 5.05
N TYR A 252 -16.94 13.80 4.22
CA TYR A 252 -18.20 14.54 4.12
C TYR A 252 -19.19 13.91 3.15
N ILE A 253 -18.85 12.81 2.49
CA ILE A 253 -19.78 12.19 1.55
C ILE A 253 -21.04 11.70 2.24
N PRO A 254 -20.99 10.93 3.33
CA PRO A 254 -22.22 10.41 3.94
C PRO A 254 -22.86 11.37 4.93
N ALA A 255 -22.48 12.65 4.88
CA ALA A 255 -22.92 13.60 5.88
C ALA A 255 -24.43 13.61 6.04
N GLY A 256 -25.18 13.42 4.95
CA GLY A 256 -26.63 13.53 5.02
C GLY A 256 -27.33 12.35 5.62
N ASP A 257 -26.67 11.18 5.67
CA ASP A 257 -27.28 9.96 6.17
C ASP A 257 -26.73 9.53 7.52
N VAL A 258 -25.96 10.40 8.20
CA VAL A 258 -25.37 10.06 9.49
C VAL A 258 -25.52 11.23 10.43
N PRO A 259 -25.44 10.98 11.74
CA PRO A 259 -25.55 12.08 12.72
C PRO A 259 -24.47 13.11 12.52
N LYS A 260 -24.57 14.18 13.32
CA LYS A 260 -23.67 15.32 13.18
C LYS A 260 -22.22 14.92 13.44
N GLY A 261 -21.98 14.11 14.47
CA GLY A 261 -20.63 13.80 14.89
C GLY A 261 -20.05 12.54 14.30
N ILE A 262 -20.48 12.19 13.09
CA ILE A 262 -19.97 11.00 12.41
C ILE A 262 -19.42 11.43 11.05
N PRO A 263 -18.10 11.41 10.85
CA PRO A 263 -17.03 11.06 11.80
C PRO A 263 -16.68 12.19 12.76
N ARG A 264 -15.98 11.89 13.84
CA ARG A 264 -15.58 12.92 14.80
C ARG A 264 -14.61 13.89 14.14
N ARG A 265 -14.73 15.16 14.48
CA ARG A 265 -13.86 16.22 13.97
C ARG A 265 -13.17 16.92 15.13
N LEU A 266 -12.34 17.91 14.79
CA LEU A 266 -11.46 18.51 15.78
C LEU A 266 -12.25 19.04 16.97
N PHE A 267 -11.76 18.71 18.17
CA PHE A 267 -12.40 19.17 19.40
C PHE A 267 -11.96 20.56 19.81
N SER A 268 -10.90 21.08 19.22
CA SER A 268 -10.39 22.38 19.61
C SER A 268 -11.45 23.46 19.35
N PRO A 269 -11.70 24.35 20.31
CA PRO A 269 -12.80 25.32 20.14
C PRO A 269 -12.42 26.45 19.19
N ASN A 270 -13.45 27.18 18.78
CA ASN A 270 -13.27 28.37 17.95
C ASN A 270 -13.12 29.58 18.85
N PRO A 271 -11.97 30.26 18.87
CA PRO A 271 -11.81 31.40 19.78
C PRO A 271 -12.75 32.55 19.49
N TRP A 272 -13.25 32.68 18.26
CA TRP A 272 -14.18 33.77 17.96
C TRP A 272 -15.43 33.70 18.82
N SER A 273 -15.88 32.50 19.18
CA SER A 273 -17.09 32.36 19.96
C SER A 273 -16.90 33.01 21.33
N PRO A 274 -17.97 33.61 21.88
CA PRO A 274 -17.82 34.30 23.18
C PRO A 274 -17.40 33.38 24.31
N GLY A 275 -17.68 32.08 24.22
CA GLY A 275 -17.33 31.16 25.29
C GLY A 275 -15.86 30.84 25.41
N ALA A 276 -15.05 31.23 24.43
CA ALA A 276 -13.62 30.97 24.47
C ALA A 276 -13.34 29.47 24.57
N THR A 281 -2.53 35.88 29.21
CA THR A 281 -1.69 36.28 30.33
C THR A 281 -2.14 35.58 31.61
N VAL A 282 -1.19 35.05 32.37
CA VAL A 282 -1.48 34.28 33.58
C VAL A 282 -0.64 34.77 34.77
N VAL A 283 -0.02 35.95 34.66
CA VAL A 283 0.85 36.41 35.74
C VAL A 283 0.08 36.57 37.04
N LYS A 284 -1.22 36.86 36.96
CA LYS A 284 -2.01 37.02 38.18
C LYS A 284 -2.05 35.72 38.98
N GLU A 285 -2.23 34.59 38.30
CA GLU A 285 -2.26 33.30 38.98
C GLU A 285 -0.89 32.80 39.35
N MET A 286 0.16 33.28 38.68
CA MET A 286 1.51 32.84 39.02
C MET A 286 1.87 33.22 40.46
N LEU A 287 1.26 34.28 40.98
CA LEU A 287 1.51 34.68 42.35
C LEU A 287 0.78 33.77 43.35
N ASP A 288 -0.35 33.19 42.97
CA ASP A 288 -1.10 32.32 43.86
C ASP A 288 -0.48 30.94 44.03
N VAL A 289 0.52 30.60 43.21
CA VAL A 289 1.14 29.27 43.32
C VAL A 289 1.97 29.21 44.59
N PRO A 290 1.92 28.13 45.35
CA PRO A 290 2.77 28.05 46.56
C PRO A 290 4.25 28.12 46.21
N ILE A 291 5.02 28.70 47.12
CA ILE A 291 6.45 28.87 46.90
C ILE A 291 7.12 27.53 46.69
N VAL A 292 6.62 26.48 47.37
CA VAL A 292 7.24 25.16 47.25
C VAL A 292 7.16 24.66 45.82
N TYR A 293 6.00 24.82 45.17
CA TYR A 293 5.88 24.38 43.79
C TYR A 293 6.65 25.29 42.84
N ILE A 294 6.76 26.57 43.17
CA ILE A 294 7.59 27.46 42.37
C ILE A 294 9.03 26.98 42.37
N ILE A 295 9.54 26.60 43.54
CA ILE A 295 10.88 26.06 43.62
C ILE A 295 10.97 24.73 42.89
N GLY A 296 9.98 23.87 43.06
CA GLY A 296 10.01 22.55 42.44
C GLY A 296 9.87 22.58 40.94
N ALA A 297 9.41 23.68 40.37
CA ALA A 297 9.36 23.80 38.92
C ALA A 297 10.75 23.73 38.30
N PHE A 298 11.80 23.90 39.11
CA PHE A 298 13.17 23.77 38.61
C PHE A 298 13.41 22.42 37.98
N ILE A 299 12.73 21.38 38.42
CA ILE A 299 13.00 20.01 38.00
C ILE A 299 12.62 19.84 36.52
N PRO A 300 11.35 19.96 36.15
CA PRO A 300 11.01 19.83 34.72
C PRO A 300 11.65 20.90 33.86
N ALA A 301 11.94 22.07 34.44
CA ALA A 301 12.56 23.15 33.68
C ALA A 301 13.93 22.75 33.16
N SER A 302 14.72 22.05 34.00
CA SER A 302 16.03 21.60 33.57
C SER A 302 15.94 20.63 32.39
N MET A 303 14.99 19.70 32.46
CA MET A 303 14.81 18.75 31.36
C MET A 303 14.37 19.45 30.09
N ILE A 304 13.44 20.40 30.20
CA ILE A 304 13.01 21.14 29.01
C ILE A 304 14.18 21.95 28.44
N ALA A 305 15.01 22.53 29.32
CA ALA A 305 16.16 23.28 28.85
C ALA A 305 17.15 22.38 28.12
N VAL A 306 17.38 21.17 28.64
CA VAL A 306 18.26 20.23 27.96
C VAL A 306 17.70 19.88 26.59
N LEU A 307 16.38 19.61 26.53
CA LEU A 307 15.75 19.28 25.26
C LEU A 307 15.94 20.40 24.25
N TYR A 308 15.70 21.64 24.67
CA TYR A 308 15.81 22.76 23.75
C TYR A 308 17.25 23.00 23.33
N TYR A 309 18.18 22.94 24.29
CA TYR A 309 19.59 23.09 23.97
C TYR A 309 20.04 22.07 22.94
N PHE A 310 19.54 20.84 23.02
CA PHE A 310 19.87 19.85 22.01
C PHE A 310 19.20 20.15 20.67
N ASP A 311 17.88 20.35 20.68
CA ASP A 311 17.11 20.38 19.45
C ASP A 311 17.38 21.64 18.63
N HIS A 312 17.40 22.81 19.30
CA HIS A 312 17.70 24.05 18.60
C HIS A 312 19.03 23.95 17.87
N SER A 313 20.06 23.50 18.58
CA SER A 313 21.39 23.41 18.00
C SER A 313 21.43 22.41 16.85
N VAL A 314 20.82 21.24 17.03
CA VAL A 314 20.85 20.24 15.97
C VAL A 314 20.13 20.75 14.72
N ALA A 315 18.96 21.37 14.90
CA ALA A 315 18.21 21.88 13.77
C ALA A 315 18.98 22.99 13.05
N SER A 316 19.61 23.90 13.81
CA SER A 316 20.40 24.93 13.17
C SER A 316 21.58 24.34 12.41
N GLN A 317 22.24 23.34 12.99
CA GLN A 317 23.34 22.68 12.30
C GLN A 317 22.89 22.05 11.00
N LEU A 318 21.75 21.37 11.03
CA LEU A 318 21.24 20.74 9.81
C LEU A 318 20.86 21.79 8.77
N ALA A 319 20.28 22.90 9.20
CA ALA A 319 19.94 23.98 8.28
C ALA A 319 21.17 24.71 7.76
N GLN A 320 22.31 24.56 8.42
CA GLN A 320 23.56 25.23 8.05
C GLN A 320 24.62 24.25 7.59
N GLN A 321 24.21 23.23 6.84
CA GLN A 321 25.16 22.25 6.33
C GLN A 321 26.12 22.90 5.33
N LYS A 322 27.37 22.46 5.37
CA LYS A 322 28.39 23.05 4.50
C LYS A 322 28.07 22.86 3.02
N GLU A 323 27.30 21.83 2.67
CA GLU A 323 26.96 21.59 1.27
C GLU A 323 26.07 22.68 0.70
N PHE A 324 25.43 23.48 1.55
CA PHE A 324 24.59 24.58 1.08
C PHE A 324 25.41 25.77 0.62
N ASN A 325 26.70 25.83 0.96
CA ASN A 325 27.58 26.93 0.58
C ASN A 325 27.02 28.27 1.06
N LEU A 326 26.64 28.30 2.33
CA LEU A 326 26.13 29.54 2.93
C LEU A 326 27.28 30.52 3.16
N ARG A 327 27.04 31.78 2.79
CA ARG A 327 28.05 32.82 2.88
C ARG A 327 27.93 33.68 4.14
N LYS A 328 27.02 33.33 5.05
CA LYS A 328 26.81 34.13 6.25
C LYS A 328 27.09 33.30 7.51
N PRO A 329 27.48 33.95 8.60
CA PRO A 329 27.96 33.21 9.78
C PRO A 329 26.81 32.62 10.60
N SER A 330 27.18 31.98 11.70
CA SER A 330 26.25 31.29 12.59
C SER A 330 26.02 32.10 13.86
N SER A 331 24.89 31.83 14.51
CA SER A 331 24.44 32.59 15.68
C SER A 331 23.90 31.67 16.77
N TYR A 332 24.64 30.60 17.07
CA TYR A 332 24.15 29.60 18.02
C TYR A 332 23.85 30.21 19.39
N HIS A 333 24.81 30.95 19.94
CA HIS A 333 24.67 31.47 21.30
C HIS A 333 23.52 32.46 21.39
N TYR A 334 23.51 33.44 20.48
CA TYR A 334 22.44 34.43 20.48
C TYR A 334 21.09 33.78 20.21
N ASP A 335 21.07 32.75 19.36
CA ASP A 335 19.82 32.03 19.10
C ASP A 335 19.31 31.36 20.37
N LEU A 336 20.22 30.76 21.16
CA LEU A 336 19.79 30.15 22.41
C LEU A 336 19.28 31.20 23.40
N LEU A 337 19.94 32.35 23.46
CA LEU A 337 19.47 33.42 24.34
C LEU A 337 18.08 33.89 23.94
N LEU A 338 17.88 34.09 22.64
CA LEU A 338 16.55 34.49 22.15
C LEU A 338 15.52 33.40 22.42
N LEU A 339 15.92 32.13 22.33
CA LEU A 339 15.00 31.05 22.66
C LEU A 339 14.60 31.11 24.14
N GLY A 340 15.55 31.43 25.01
CA GLY A 340 15.20 31.62 26.41
C GLY A 340 14.19 32.73 26.60
N PHE A 341 14.43 33.87 25.94
CA PHE A 341 13.48 34.98 26.03
C PHE A 341 12.10 34.57 25.51
N LEU A 342 12.06 33.86 24.38
CA LEU A 342 10.79 33.43 23.81
C LEU A 342 10.07 32.45 24.73
N THR A 343 10.83 31.56 25.37
CA THR A 343 10.23 30.64 26.33
C THR A 343 9.61 31.38 27.50
N LEU A 344 10.31 32.40 28.01
CA LEU A 344 9.74 33.22 29.07
C LEU A 344 8.45 33.88 28.61
N MET A 345 8.45 34.46 27.41
CA MET A 345 7.27 35.14 26.91
C MET A 345 6.10 34.18 26.75
N CYS A 346 6.36 33.00 26.18
CA CYS A 346 5.30 32.02 25.98
C CYS A 346 4.76 31.52 27.31
N GLY A 347 5.64 31.27 28.29
CA GLY A 347 5.17 30.87 29.60
C GLY A 347 4.28 31.92 30.23
N LEU A 348 4.66 33.20 30.09
CA LEU A 348 3.81 34.26 30.62
C LEU A 348 2.47 34.32 29.89
N LEU A 349 2.46 34.09 28.58
CA LEU A 349 1.23 34.18 27.79
C LEU A 349 0.32 32.97 27.97
N GLY A 350 0.82 31.88 28.56
CA GLY A 350 0.00 30.70 28.74
C GLY A 350 -0.06 29.77 27.56
N VAL A 351 0.99 29.73 26.74
CA VAL A 351 1.05 28.84 25.58
C VAL A 351 2.32 28.01 25.66
N PRO A 352 2.36 26.81 25.08
CA PRO A 352 3.58 26.03 25.14
C PRO A 352 4.69 26.69 24.35
N PRO A 353 5.95 26.57 24.79
CA PRO A 353 7.05 27.20 24.05
C PRO A 353 7.33 26.46 22.75
N SER A 354 7.96 27.18 21.83
CA SER A 354 8.36 26.65 20.54
C SER A 354 9.88 26.65 20.43
N ASN A 355 10.39 25.73 19.61
CA ASN A 355 11.83 25.57 19.41
C ASN A 355 12.08 25.06 18.01
N GLY A 356 13.36 24.99 17.65
CA GLY A 356 13.76 24.50 16.35
C GLY A 356 13.25 23.10 16.07
N VAL A 357 12.74 22.90 14.86
CA VAL A 357 12.08 21.64 14.50
C VAL A 357 12.79 21.02 13.31
N ILE A 358 12.69 19.69 13.22
CA ILE A 358 13.33 18.91 12.16
C ILE A 358 12.24 18.07 11.51
N PRO A 359 12.27 17.87 10.18
CA PRO A 359 13.22 18.38 9.18
C PRO A 359 12.75 19.69 8.55
N GLN A 360 11.94 20.48 9.25
CA GLN A 360 11.38 21.69 8.67
C GLN A 360 12.47 22.68 8.28
N SER A 361 13.47 22.88 9.15
CA SER A 361 14.51 23.86 8.83
C SER A 361 15.35 23.45 7.63
N PRO A 362 15.90 22.23 7.56
CA PRO A 362 16.60 21.83 6.33
C PRO A 362 15.72 21.84 5.11
N MET A 363 14.44 21.50 5.26
CA MET A 363 13.52 21.56 4.12
C MET A 363 13.36 23.00 3.63
N HIS A 364 13.28 23.95 4.56
CA HIS A 364 13.22 25.36 4.18
C HIS A 364 14.48 25.78 3.43
N THR A 365 15.65 25.40 3.96
CA THR A 365 16.90 25.77 3.30
C THR A 365 16.97 25.15 1.90
N LYS A 366 16.54 23.90 1.76
CA LYS A 366 16.47 23.27 0.45
C LYS A 366 15.52 24.01 -0.48
N SER A 367 14.35 24.39 0.03
CA SER A 367 13.39 25.13 -0.79
C SER A 367 13.97 26.46 -1.25
N LEU A 368 14.89 27.04 -0.48
CA LEU A 368 15.53 28.29 -0.85
C LEU A 368 16.82 28.07 -1.64
N ALA A 369 17.04 26.86 -2.17
CA ALA A 369 18.28 26.51 -2.84
C ALA A 369 18.06 26.29 -4.33
N THR A 370 19.03 26.70 -5.13
CA THR A 370 19.03 26.47 -6.57
C THR A 370 20.42 26.04 -7.01
N LEU A 371 20.47 25.28 -8.10
CA LEU A 371 21.74 24.79 -8.65
C LEU A 371 22.12 25.63 -9.86
N LYS A 372 23.38 26.08 -9.88
CA LYS A 372 23.92 26.88 -10.97
C LYS A 372 24.87 25.99 -11.78
N TYR A 373 24.35 25.39 -12.84
CA TYR A 373 25.14 24.51 -13.69
C TYR A 373 25.70 25.27 -14.88
N PRO A 457 27.38 22.99 -6.44
CA PRO A 457 26.87 24.15 -7.18
C PRO A 457 25.59 24.71 -6.57
N VAL A 458 25.46 24.61 -5.25
CA VAL A 458 24.24 25.01 -4.57
C VAL A 458 24.35 26.47 -4.16
N GLU A 459 23.31 27.24 -4.48
CA GLU A 459 23.20 28.64 -4.07
C GLU A 459 21.89 28.79 -3.31
N VAL A 460 21.94 29.41 -2.14
CA VAL A 460 20.80 29.51 -1.25
C VAL A 460 20.41 30.96 -1.12
N LYS A 461 19.12 31.25 -1.30
CA LYS A 461 18.56 32.58 -1.11
C LYS A 461 18.21 32.72 0.37
N GLU A 462 19.13 33.29 1.15
CA GLU A 462 18.97 33.43 2.58
C GLU A 462 18.44 34.81 2.91
N GLN A 463 17.30 34.87 3.60
CA GLN A 463 16.64 36.12 3.93
C GLN A 463 15.63 35.85 5.05
N ARG A 464 14.97 36.92 5.50
CA ARG A 464 14.07 36.85 6.65
C ARG A 464 12.60 37.00 6.24
N VAL A 465 12.29 36.96 4.96
CA VAL A 465 10.92 37.19 4.51
C VAL A 465 10.09 35.91 4.55
N SER A 466 10.65 34.79 4.09
CA SER A 466 9.89 33.55 4.03
C SER A 466 9.46 33.10 5.42
N ASN A 467 10.38 33.16 6.39
CA ASN A 467 10.05 32.75 7.75
C ASN A 467 8.96 33.64 8.33
N LEU A 468 9.08 34.95 8.15
CA LEU A 468 8.08 35.87 8.68
C LEU A 468 6.72 35.60 8.05
N LEU A 469 6.67 35.41 6.74
CA LEU A 469 5.39 35.18 6.07
C LEU A 469 4.77 33.86 6.51
N GLN A 470 5.57 32.80 6.62
CA GLN A 470 5.01 31.51 7.02
C GLN A 470 4.51 31.55 8.46
N SER A 471 5.24 32.25 9.34
CA SER A 471 4.78 32.40 10.71
C SER A 471 3.49 33.20 10.77
N THR A 472 3.38 34.26 9.97
CA THR A 472 2.17 35.06 9.94
C THR A 472 0.99 34.23 9.42
N MET A 473 1.24 33.38 8.43
CA MET A 473 0.17 32.52 7.92
C MET A 473 -0.25 31.49 8.98
N VAL A 474 0.72 30.94 9.72
CA VAL A 474 0.38 30.03 10.80
C VAL A 474 -0.49 30.74 11.83
N GLY A 475 -0.14 31.99 12.16
CA GLY A 475 -0.97 32.75 13.09
C GLY A 475 -2.35 33.02 12.55
N GLY A 476 -2.45 33.38 11.26
CA GLY A 476 -3.74 33.63 10.66
C GLY A 476 -4.60 32.39 10.57
N CYS A 477 -3.99 31.20 10.55
CA CYS A 477 -4.75 29.97 10.59
C CYS A 477 -5.65 29.91 11.83
N VAL A 478 -5.30 30.62 12.89
CA VAL A 478 -6.18 30.70 14.05
C VAL A 478 -7.50 31.35 13.67
N ALA A 479 -7.44 32.43 12.87
CA ALA A 479 -8.66 33.07 12.41
C ALA A 479 -9.48 32.14 11.53
N ALA A 480 -8.85 31.13 10.93
CA ALA A 480 -9.54 30.15 10.11
C ALA A 480 -9.89 28.88 10.88
N MET A 481 -10.00 28.97 12.20
CA MET A 481 -10.33 27.79 13.01
C MET A 481 -11.60 27.11 12.55
N PRO A 482 -12.68 27.81 12.18
CA PRO A 482 -13.87 27.09 11.70
C PRO A 482 -13.58 26.18 10.51
N ILE A 483 -12.68 26.60 9.62
CA ILE A 483 -12.34 25.76 8.47
C ILE A 483 -11.51 24.55 8.93
N LEU A 484 -10.58 24.76 9.85
CA LEU A 484 -9.75 23.67 10.33
C LEU A 484 -10.56 22.65 11.11
N LYS A 485 -11.65 23.09 11.76
CA LYS A 485 -12.47 22.19 12.55
C LYS A 485 -13.20 21.16 11.70
N MET A 486 -13.21 21.33 10.38
CA MET A 486 -13.79 20.35 9.49
C MET A 486 -12.92 19.11 9.29
N ILE A 487 -11.66 19.16 9.73
CA ILE A 487 -10.74 18.04 9.53
C ILE A 487 -11.10 16.93 10.53
N PRO A 488 -11.31 15.70 10.07
CA PRO A 488 -11.51 14.60 11.02
C PRO A 488 -10.23 14.29 11.78
N THR A 489 -10.40 13.83 13.03
CA THR A 489 -9.26 13.51 13.87
C THR A 489 -8.52 12.28 13.37
N SER A 490 -9.23 11.34 12.75
CA SER A 490 -8.58 10.17 12.18
C SER A 490 -7.50 10.55 11.17
N VAL A 491 -7.72 11.62 10.41
CA VAL A 491 -6.70 12.09 9.49
C VAL A 491 -5.45 12.54 10.23
N LEU A 492 -5.63 13.19 11.38
CA LEU A 492 -4.48 13.62 12.17
C LEU A 492 -3.74 12.43 12.78
N TRP A 493 -4.47 11.39 13.21
CA TRP A 493 -3.80 10.19 13.68
C TRP A 493 -3.02 9.52 12.55
N GLY A 494 -3.61 9.47 11.36
CA GLY A 494 -2.87 8.97 10.20
C GLY A 494 -1.63 9.80 9.92
N TYR A 495 -1.71 11.11 10.12
CA TYR A 495 -0.53 11.95 9.95
C TYR A 495 0.52 11.65 11.02
N PHE A 496 0.09 11.34 12.24
CA PHE A 496 1.04 10.91 13.26
C PHE A 496 1.79 9.68 12.79
N ALA A 497 1.07 8.69 12.28
CA ALA A 497 1.72 7.50 11.73
C ALA A 497 2.63 7.87 10.57
N PHE A 498 2.21 8.83 9.76
CA PHE A 498 3.01 9.26 8.62
C PHE A 498 4.35 9.84 9.06
N MET A 499 4.34 10.72 10.06
CA MET A 499 5.60 11.25 10.56
C MET A 499 6.46 10.15 11.19
N ALA A 500 5.82 9.24 11.93
CA ALA A 500 6.57 8.15 12.53
C ALA A 500 7.32 7.35 11.46
N ILE A 501 6.63 7.02 10.36
CA ILE A 501 7.28 6.26 9.30
C ILE A 501 8.31 7.11 8.56
N GLU A 502 8.03 8.39 8.33
CA GLU A 502 8.94 9.26 7.61
C GLU A 502 10.20 9.60 8.40
N SER A 503 10.22 9.32 9.70
CA SER A 503 11.44 9.50 10.47
C SER A 503 12.50 8.44 10.18
N LEU A 504 12.12 7.34 9.53
CA LEU A 504 12.98 6.16 9.36
C LEU A 504 14.00 6.29 8.23
N PRO A 505 13.60 6.71 7.02
CA PRO A 505 14.44 6.50 5.83
C PRO A 505 15.93 6.76 6.02
N GLY A 506 16.29 7.98 6.42
CA GLY A 506 17.70 8.35 6.48
C GLY A 506 18.35 8.03 7.80
N ASN A 507 17.67 7.28 8.66
CA ASN A 507 18.18 6.96 9.99
C ASN A 507 19.03 5.70 9.91
N GLN A 508 20.30 5.83 10.28
CA GLN A 508 21.20 4.68 10.23
C GLN A 508 20.92 3.68 11.35
N PHE A 509 20.40 4.15 12.48
CA PHE A 509 20.03 3.23 13.55
C PHE A 509 18.93 2.27 13.10
N TRP A 510 17.93 2.78 12.39
CA TRP A 510 16.87 1.92 11.87
C TRP A 510 17.42 0.93 10.85
N GLU A 511 18.31 1.39 9.96
CA GLU A 511 18.90 0.49 8.98
C GLU A 511 19.71 -0.60 9.65
N ARG A 512 20.45 -0.24 10.71
CA ARG A 512 21.21 -1.25 11.44
C ARG A 512 20.30 -2.23 12.17
N ILE A 513 19.16 -1.76 12.69
CA ILE A 513 18.20 -2.68 13.28
C ILE A 513 17.70 -3.67 12.22
N LEU A 514 17.35 -3.16 11.05
CA LEU A 514 16.87 -4.03 9.97
C LEU A 514 17.94 -5.04 9.58
N LEU A 515 19.20 -4.60 9.49
CA LEU A 515 20.29 -5.53 9.20
C LEU A 515 20.44 -6.56 10.30
N LEU A 516 20.26 -6.15 11.55
CA LEU A 516 20.32 -7.08 12.67
C LEU A 516 19.26 -8.17 12.53
N PHE A 517 18.05 -7.80 12.14
CA PHE A 517 16.98 -8.76 11.96
C PHE A 517 16.98 -9.38 10.56
N THR A 518 17.95 -9.04 9.73
CA THR A 518 18.08 -9.65 8.41
C THR A 518 18.70 -11.04 8.51
N ALA A 519 18.24 -11.95 7.66
CA ALA A 519 18.77 -13.30 7.66
C ALA A 519 20.22 -13.29 7.18
N PRO A 520 21.09 -14.11 7.78
CA PRO A 520 22.51 -14.10 7.34
C PRO A 520 22.69 -14.39 5.87
N SER A 521 21.87 -15.27 5.30
CA SER A 521 22.01 -15.67 3.90
C SER A 521 21.50 -14.64 2.91
N ARG A 522 20.87 -13.56 3.38
CA ARG A 522 20.24 -12.58 2.50
C ARG A 522 20.87 -11.19 2.63
N ARG A 523 22.10 -11.11 3.14
CA ARG A 523 22.77 -9.81 3.24
C ARG A 523 23.32 -9.36 1.90
N PHE A 524 23.56 -10.28 0.98
CA PHE A 524 23.91 -9.88 -0.39
C PHE A 524 22.82 -9.01 -0.98
N LYS A 525 21.57 -9.23 -0.58
CA LYS A 525 20.50 -8.32 -1.01
C LYS A 525 20.74 -6.92 -0.48
N VAL A 526 21.18 -6.81 0.78
CA VAL A 526 21.56 -5.51 1.33
C VAL A 526 22.67 -4.89 0.49
N LEU A 527 23.62 -5.70 0.04
CA LEU A 527 24.73 -5.20 -0.76
C LEU A 527 24.35 -4.92 -2.20
N GLU A 528 23.17 -5.34 -2.65
CA GLU A 528 22.75 -5.15 -4.03
C GLU A 528 22.15 -3.78 -4.30
N ASP A 529 22.00 -2.94 -3.27
CA ASP A 529 21.45 -1.60 -3.43
C ASP A 529 22.30 -0.61 -2.65
N TYR A 530 21.89 0.66 -2.69
CA TYR A 530 22.60 1.68 -1.93
C TYR A 530 22.63 1.31 -0.45
N HIS A 531 23.81 1.45 0.15
CA HIS A 531 24.02 1.01 1.52
C HIS A 531 25.08 1.90 2.17
N ALA A 532 25.08 1.89 3.50
CA ALA A 532 26.07 2.65 4.25
C ALA A 532 27.44 2.00 4.14
N THR A 533 28.48 2.81 4.37
CA THR A 533 29.84 2.34 4.20
C THR A 533 30.28 1.38 5.30
N PHE A 534 29.75 1.55 6.52
CA PHE A 534 30.14 0.67 7.61
C PHE A 534 29.72 -0.77 7.37
N VAL A 535 28.75 -0.99 6.46
CA VAL A 535 28.38 -2.36 6.10
C VAL A 535 29.57 -3.08 5.50
N GLU A 536 30.35 -2.38 4.66
CA GLU A 536 31.54 -2.96 4.05
C GLU A 536 32.79 -2.82 4.91
N THR A 537 32.95 -1.69 5.60
CA THR A 537 34.18 -1.39 6.31
C THR A 537 34.18 -1.80 7.77
N VAL A 538 33.12 -2.44 8.25
CA VAL A 538 33.06 -2.87 9.65
C VAL A 538 32.52 -4.29 9.72
N PRO A 539 33.09 -5.15 10.59
CA PRO A 539 32.53 -6.50 10.71
C PRO A 539 31.11 -6.48 11.25
N PHE A 540 30.34 -7.50 10.87
CA PHE A 540 28.93 -7.55 11.27
C PHE A 540 28.78 -7.70 12.77
N LYS A 541 29.72 -8.37 13.44
CA LYS A 541 29.60 -8.56 14.88
C LYS A 541 29.66 -7.23 15.62
N THR A 542 30.58 -6.35 15.22
CA THR A 542 30.67 -5.04 15.86
C THR A 542 29.41 -4.22 15.60
N ILE A 543 28.89 -4.26 14.37
CA ILE A 543 27.66 -3.55 14.05
C ILE A 543 26.52 -4.06 14.90
N ALA A 544 26.40 -5.37 15.03
CA ALA A 544 25.32 -5.96 15.81
C ALA A 544 25.44 -5.56 17.28
N MET A 545 26.65 -5.58 17.84
CA MET A 545 26.83 -5.20 19.23
C MET A 545 26.47 -3.74 19.46
N PHE A 546 26.94 -2.86 18.57
CA PHE A 546 26.63 -1.44 18.68
C PHE A 546 25.11 -1.21 18.59
N THR A 547 24.47 -1.87 17.64
CA THR A 547 23.03 -1.72 17.46
C THR A 547 22.28 -2.26 18.66
N LEU A 548 22.75 -3.37 19.25
CA LEU A 548 22.08 -3.91 20.43
C LEU A 548 22.17 -2.95 21.61
N PHE A 549 23.35 -2.35 21.82
CA PHE A 549 23.47 -1.36 22.89
C PHE A 549 22.54 -0.19 22.66
N GLN A 550 22.51 0.33 21.43
CA GLN A 550 21.66 1.47 21.12
C GLN A 550 20.19 1.11 21.30
N THR A 551 19.79 -0.08 20.86
CA THR A 551 18.40 -0.50 21.00
C THR A 551 18.00 -0.66 22.46
N THR A 552 18.89 -1.22 23.28
CA THR A 552 18.59 -1.33 24.70
C THR A 552 18.41 0.05 25.32
N TYR A 553 19.29 0.99 24.97
CA TYR A 553 19.14 2.36 25.48
C TYR A 553 17.81 2.96 25.05
N LEU A 554 17.45 2.79 23.77
CA LEU A 554 16.20 3.35 23.26
C LEU A 554 14.99 2.75 23.96
N LEU A 555 14.98 1.43 24.15
CA LEU A 555 13.86 0.79 24.81
C LEU A 555 13.78 1.21 26.28
N ILE A 556 14.92 1.38 26.94
CA ILE A 556 14.90 1.86 28.32
C ILE A 556 14.28 3.25 28.38
N CYS A 557 14.66 4.14 27.46
CA CYS A 557 14.08 5.48 27.46
C CYS A 557 12.57 5.43 27.18
N PHE A 558 12.16 4.60 26.22
CA PHE A 558 10.74 4.50 25.91
C PHE A 558 9.95 3.98 27.10
N GLY A 559 10.48 2.98 27.81
CA GLY A 559 9.81 2.50 29.00
C GLY A 559 9.79 3.54 30.10
N LEU A 560 10.86 4.32 30.24
CA LEU A 560 10.87 5.41 31.20
C LEU A 560 9.77 6.41 30.92
N THR A 561 9.50 6.65 29.63
CA THR A 561 8.42 7.57 29.27
C THR A 561 7.07 7.12 29.82
N TRP A 562 6.91 5.83 30.13
CA TRP A 562 5.64 5.30 30.63
C TRP A 562 5.47 5.46 32.14
N ILE A 563 6.52 5.81 32.87
CA ILE A 563 6.42 5.98 34.32
C ILE A 563 5.73 7.32 34.59
N PRO A 564 4.72 7.35 35.49
CA PRO A 564 3.91 8.58 35.59
C PRO A 564 4.70 9.84 35.90
N ILE A 565 5.69 9.76 36.79
CA ILE A 565 6.43 10.93 37.25
C ILE A 565 7.87 10.90 36.77
N ALA A 566 8.56 9.77 36.96
CA ALA A 566 9.95 9.66 36.55
C ALA A 566 10.13 9.75 35.04
N GLY A 567 9.06 9.65 34.26
CA GLY A 567 9.16 9.74 32.82
C GLY A 567 9.52 11.11 32.29
N VAL A 568 9.58 12.11 33.17
CA VAL A 568 9.94 13.47 32.78
C VAL A 568 11.45 13.60 32.69
N MET A 569 12.16 12.49 32.90
CA MET A 569 13.61 12.51 33.01
C MET A 569 14.33 11.97 31.77
N PHE A 570 13.61 11.66 30.70
CA PHE A 570 14.25 11.08 29.53
C PHE A 570 15.23 12.02 28.83
N PRO A 571 15.06 13.34 28.86
CA PRO A 571 16.12 14.21 28.30
C PRO A 571 17.46 14.01 28.98
N LEU A 572 17.47 13.68 30.27
CA LEU A 572 18.71 13.37 30.95
C LEU A 572 19.38 12.14 30.33
N MET A 573 18.57 11.12 30.04
CA MET A 573 19.12 9.93 29.37
C MET A 573 19.66 10.26 28.00
N ILE A 574 18.95 11.11 27.26
CA ILE A 574 19.45 11.52 25.94
C ILE A 574 20.77 12.26 26.07
N MET A 575 20.87 13.15 27.07
CA MET A 575 22.10 13.91 27.28
C MET A 575 23.25 12.99 27.67
N PHE A 576 22.97 11.95 28.45
CA PHE A 576 24.04 11.08 28.93
C PHE A 576 24.77 10.37 27.80
N LEU A 577 24.19 10.32 26.60
CA LEU A 577 24.84 9.65 25.48
C LEU A 577 26.11 10.37 25.03
N ILE A 578 26.24 11.66 25.33
CA ILE A 578 27.43 12.42 24.93
C ILE A 578 28.63 11.88 25.69
N PRO A 579 28.67 11.98 27.03
CA PRO A 579 29.83 11.43 27.75
C PRO A 579 30.01 9.95 27.55
N VAL A 580 28.92 9.19 27.40
CA VAL A 580 29.05 7.76 27.15
C VAL A 580 29.82 7.52 25.86
N ARG A 581 29.39 8.16 24.77
CA ARG A 581 30.08 8.01 23.51
C ARG A 581 31.53 8.50 23.60
N GLN A 582 31.76 9.55 24.39
CA GLN A 582 33.10 10.14 24.44
C GLN A 582 34.08 9.30 25.25
N TYR A 583 33.60 8.57 26.27
CA TYR A 583 34.49 7.89 27.19
C TYR A 583 34.36 6.38 27.19
N LEU A 584 33.14 5.85 27.29
CA LEU A 584 32.98 4.41 27.51
C LEU A 584 33.12 3.62 26.20
N LEU A 585 32.45 4.07 25.15
CA LEU A 585 32.45 3.31 23.90
C LEU A 585 33.85 3.04 23.38
N PRO A 586 34.79 3.99 23.39
CA PRO A 586 36.15 3.67 22.91
C PRO A 586 36.79 2.51 23.65
N ARG A 587 36.45 2.30 24.92
CA ARG A 587 36.96 1.14 25.64
C ARG A 587 36.50 -0.15 24.99
N PHE A 588 35.23 -0.23 24.60
CA PHE A 588 34.66 -1.45 24.06
C PHE A 588 34.73 -1.52 22.54
N PHE A 589 35.09 -0.42 21.88
CA PHE A 589 35.14 -0.37 20.42
C PHE A 589 36.47 0.21 19.96
N LYS A 590 36.88 -0.18 18.76
CA LYS A 590 38.22 0.07 18.25
C LYS A 590 38.16 1.21 17.21
N GLY A 591 38.20 2.45 17.70
CA GLY A 591 38.54 3.58 16.86
C GLY A 591 37.76 3.71 15.58
N ALA A 592 38.42 3.43 14.46
CA ALA A 592 37.80 3.57 13.14
C ALA A 592 36.42 2.94 13.09
N HIS A 593 36.19 1.87 13.86
CA HIS A 593 34.87 1.28 13.91
C HIS A 593 33.85 2.26 14.46
N LEU A 594 34.18 2.92 15.57
CA LEU A 594 33.29 3.94 16.12
C LEU A 594 33.14 5.12 15.16
N GLN A 595 34.24 5.52 14.52
CA GLN A 595 34.17 6.64 13.59
C GLN A 595 33.22 6.34 12.44
N ASP A 596 33.28 5.12 11.89
CA ASP A 596 32.39 4.75 10.80
C ASP A 596 30.96 4.59 11.28
N LEU A 597 30.76 4.01 12.47
CA LEU A 597 29.42 3.79 12.99
C LEU A 597 28.83 5.05 13.61
N ASP A 598 29.66 6.05 13.89
CA ASP A 598 29.23 7.30 14.51
C ASP A 598 29.85 8.48 13.75
N ALA A 599 29.69 8.47 12.44
CA ALA A 599 30.27 9.51 11.59
C ALA A 599 29.36 10.73 11.53
N ALA A 600 29.97 11.91 11.62
CA ALA A 600 29.21 13.15 11.48
C ALA A 600 28.70 13.36 10.06
N GLU A 601 29.22 12.62 9.09
CA GLU A 601 28.81 12.73 7.70
C GLU A 601 28.10 11.45 7.28
N TYR A 602 27.02 11.62 6.51
CA TYR A 602 26.26 10.48 6.00
C TYR A 602 27.00 9.93 4.77
N GLU A 603 27.73 8.84 4.97
CA GLU A 603 28.52 8.22 3.91
C GLU A 603 27.72 7.08 3.31
N GLU A 604 27.62 7.07 1.98
CA GLU A 604 26.87 6.07 1.24
C GLU A 604 27.77 5.42 0.19
N ALA A 605 27.45 4.17 -0.15
CA ALA A 605 28.19 3.42 -1.14
C ALA A 605 27.22 2.90 -2.20
N PRO A 606 27.65 2.80 -3.44
CA PRO A 606 26.76 2.35 -4.51
C PRO A 606 26.58 0.83 -4.50
N ALA A 607 25.59 0.38 -5.24
CA ALA A 607 25.31 -1.04 -5.35
C ALA A 607 26.47 -1.77 -6.01
N LEU A 608 26.70 -3.02 -5.58
CA LEU A 608 27.77 -3.83 -6.10
C LEU A 608 27.23 -4.96 -6.97
N PRO A 609 27.99 -5.43 -7.96
CA PRO A 609 27.56 -6.59 -8.73
C PRO A 609 27.51 -7.84 -7.87
N PHE A 610 26.69 -8.81 -8.32
CA PHE A 610 26.54 -10.06 -7.58
C PHE A 610 27.90 -10.73 -7.37
N ASN A 611 28.75 -10.73 -8.39
CA ASN A 611 30.06 -11.35 -8.25
C ASN A 611 30.89 -10.65 -7.18
N LEU A 612 30.85 -9.32 -7.14
CA LEU A 612 31.56 -8.58 -6.10
C LEU A 612 30.84 -8.59 -4.77
N ALA A 613 29.56 -8.97 -4.73
CA ALA A 613 28.82 -9.04 -3.48
C ALA A 613 29.08 -10.33 -2.72
N ALA A 614 29.66 -11.34 -3.35
CA ALA A 614 29.94 -12.61 -2.70
C ALA A 614 31.37 -12.71 -2.17
N GLU A 615 32.31 -11.97 -2.75
CA GLU A 615 33.68 -11.97 -2.25
C GLU A 615 33.80 -11.28 -0.90
N THR A 616 32.82 -10.45 -0.54
CA THR A 616 32.85 -9.78 0.75
C THR A 616 32.54 -10.76 1.87
N GLU A 617 33.03 -10.43 3.06
CA GLU A 617 32.80 -11.28 4.23
C GLU A 617 31.31 -11.35 4.57
N ILE A 618 30.61 -10.22 4.52
CA ILE A 618 29.21 -10.18 4.92
C ILE A 618 28.35 -10.99 3.97
N GLY A 619 28.67 -10.94 2.67
CA GLY A 619 27.89 -11.67 1.68
C GLY A 619 28.51 -12.99 1.27
N SER A 620 29.38 -13.52 2.11
CA SER A 620 30.10 -14.75 1.79
C SER A 620 29.25 -16.01 1.98
N THR A 621 28.06 -15.90 2.56
CA THR A 621 27.18 -17.04 2.82
C THR A 621 25.98 -17.04 1.88
N THR A 622 26.19 -16.61 0.63
CA THR A 622 25.10 -16.57 -0.34
C THR A 622 24.57 -17.98 -0.60
N SER A 623 23.25 -18.09 -0.76
CA SER A 623 22.59 -19.34 -1.06
C SER A 623 21.89 -19.24 -2.41
N TYR A 624 21.96 -20.32 -3.19
CA TYR A 624 21.42 -20.29 -4.54
C TYR A 624 19.89 -20.28 -4.50
N PRO A 625 19.24 -19.65 -5.49
CA PRO A 625 17.78 -19.61 -5.48
C PRO A 625 17.16 -20.96 -5.78
N GLY A 626 15.93 -21.14 -5.30
CA GLY A 626 15.19 -22.36 -5.57
C GLY A 626 14.52 -22.37 -6.93
N ASP A 627 13.98 -23.53 -7.29
CA ASP A 627 13.36 -23.69 -8.60
C ASP A 627 12.13 -22.79 -8.73
N LEU A 628 11.29 -22.76 -7.69
CA LEU A 628 10.12 -21.89 -7.74
C LEU A 628 10.50 -20.42 -7.73
N GLU A 629 11.55 -20.06 -6.99
CA GLU A 629 12.02 -18.68 -7.01
C GLU A 629 12.48 -18.28 -8.40
N ILE A 630 13.19 -19.17 -9.09
CA ILE A 630 13.62 -18.88 -10.45
C ILE A 630 12.42 -18.76 -11.38
N LEU A 631 11.47 -19.69 -11.27
CA LEU A 631 10.33 -19.69 -12.18
C LEU A 631 9.41 -18.49 -11.95
N ASP A 632 9.39 -17.95 -10.73
CA ASP A 632 8.56 -16.78 -10.46
C ASP A 632 8.98 -15.60 -11.33
N GLU A 633 10.28 -15.46 -11.59
CA GLU A 633 10.78 -14.30 -12.32
C GLU A 633 10.67 -14.46 -13.82
N VAL A 634 10.72 -15.69 -14.34
CA VAL A 634 10.71 -15.91 -15.78
C VAL A 634 9.33 -16.23 -16.33
N MET A 635 8.30 -16.26 -15.49
CA MET A 635 6.94 -16.54 -15.91
C MET A 635 6.03 -15.38 -15.53
N THR A 636 5.12 -15.04 -16.44
CA THR A 636 4.17 -13.97 -16.18
C THR A 636 3.13 -14.42 -15.15
N ARG A 637 2.77 -13.49 -14.27
CA ARG A 637 1.77 -13.77 -13.24
C ARG A 637 0.35 -13.79 -13.79
N SER A 638 0.09 -13.06 -14.89
CA SER A 638 -1.27 -12.98 -15.42
C SER A 638 -1.69 -14.28 -16.09
N ARG A 639 -0.82 -14.86 -16.90
CA ARG A 639 -1.16 -16.03 -17.70
C ARG A 639 -0.12 -17.13 -17.68
N GLY A 640 0.93 -17.01 -16.86
CA GLY A 640 1.97 -18.02 -16.83
C GLY A 640 2.73 -18.16 -18.13
N GLU A 641 3.03 -17.04 -18.79
CA GLU A 641 3.78 -17.05 -20.04
C GLU A 641 5.27 -16.91 -19.74
N PHE A 642 6.07 -17.72 -20.41
CA PHE A 642 7.51 -17.66 -20.20
C PHE A 642 8.08 -16.38 -20.79
N ARG A 643 8.89 -15.67 -20.01
CA ARG A 643 9.55 -14.46 -20.47
C ARG A 643 10.87 -14.81 -21.14
N HIS A 644 11.04 -14.33 -22.37
CA HIS A 644 12.28 -14.48 -23.11
C HIS A 644 13.01 -13.15 -23.12
N THR A 645 14.27 -13.16 -22.69
CA THR A 645 15.06 -11.93 -22.58
C THR A 645 16.27 -12.01 -23.51
N PHE B 5 -8.43 -31.64 -41.85
CA PHE B 5 -9.78 -31.51 -41.23
C PHE B 5 -10.63 -32.75 -41.49
N VAL B 6 -9.97 -33.90 -41.62
CA VAL B 6 -10.70 -35.16 -41.82
C VAL B 6 -11.41 -35.52 -40.51
N PRO B 7 -12.70 -35.86 -40.55
CA PRO B 7 -13.42 -36.11 -39.30
C PRO B 7 -12.79 -37.24 -38.49
N PHE B 8 -12.77 -37.05 -37.16
CA PHE B 8 -12.34 -38.03 -36.17
C PHE B 8 -10.84 -38.30 -36.19
N GLU B 9 -10.09 -37.76 -37.14
CA GLU B 9 -8.65 -38.05 -37.20
C GLU B 9 -7.93 -37.51 -35.98
N GLY B 10 -8.23 -36.26 -35.59
CA GLY B 10 -7.59 -35.69 -34.43
C GLY B 10 -7.88 -36.46 -33.16
N ILE B 11 -9.14 -36.86 -32.98
CA ILE B 11 -9.51 -37.62 -31.78
C ILE B 11 -8.77 -38.94 -31.74
N LYS B 12 -8.71 -39.65 -32.87
CA LYS B 12 -8.01 -40.93 -32.89
C LYS B 12 -6.53 -40.75 -32.60
N ASN B 13 -5.90 -39.75 -33.21
CA ASN B 13 -4.48 -39.53 -32.96
C ASN B 13 -4.22 -39.19 -31.50
N ASP B 14 -5.07 -38.33 -30.91
CA ASP B 14 -4.89 -37.97 -29.50
C ASP B 14 -5.06 -39.18 -28.60
N LEU B 15 -6.09 -39.99 -28.86
CA LEU B 15 -6.30 -41.19 -28.05
C LEU B 15 -5.14 -42.15 -28.17
N LYS B 16 -4.63 -42.34 -29.39
CA LYS B 16 -3.47 -43.22 -29.58
C LYS B 16 -2.27 -42.70 -28.80
N GLY B 17 -2.01 -41.39 -28.88
CA GLY B 17 -0.88 -40.83 -28.16
C GLY B 17 -0.99 -40.95 -26.66
N ARG B 18 -2.19 -40.68 -26.12
CA ARG B 18 -2.38 -40.67 -24.68
C ARG B 18 -2.60 -42.06 -24.09
N LEU B 19 -2.90 -43.07 -24.91
CA LEU B 19 -3.11 -44.42 -24.41
C LEU B 19 -1.80 -45.18 -24.17
N MET B 20 -0.69 -44.70 -24.71
CA MET B 20 0.61 -45.34 -24.50
C MET B 20 1.30 -44.87 -23.23
N CYS B 21 0.71 -43.95 -22.48
CA CYS B 21 1.34 -43.40 -21.28
C CYS B 21 0.35 -43.25 -20.13
N TYR B 22 -0.70 -44.06 -20.10
CA TYR B 22 -1.71 -43.96 -19.05
C TYR B 22 -1.24 -44.62 -17.76
N LYS B 23 -0.88 -45.91 -17.85
CA LYS B 23 -0.32 -46.60 -16.69
C LYS B 23 0.88 -45.83 -16.15
N GLN B 24 1.69 -45.26 -17.04
CA GLN B 24 2.82 -44.46 -16.59
C GLN B 24 2.35 -43.18 -15.91
N ASP B 25 1.30 -42.55 -16.45
CA ASP B 25 0.78 -41.35 -15.80
C ASP B 25 0.38 -41.64 -14.36
N TRP B 26 -0.17 -42.83 -14.11
CA TRP B 26 -0.59 -43.15 -12.75
C TRP B 26 0.59 -43.58 -11.88
N THR B 27 1.47 -44.43 -12.41
CA THR B 27 2.60 -44.92 -11.62
C THR B 27 3.53 -43.79 -11.22
N GLY B 28 3.85 -42.90 -12.16
CA GLY B 28 4.71 -41.77 -11.82
C GLY B 28 4.13 -40.91 -10.72
N GLY B 29 2.81 -40.72 -10.73
CA GLY B 29 2.18 -40.01 -9.63
C GLY B 29 2.30 -40.75 -8.31
N PHE B 30 2.07 -42.06 -8.34
CA PHE B 30 2.24 -42.84 -7.11
C PHE B 30 3.69 -42.89 -6.66
N LYS B 31 4.63 -42.99 -7.59
CA LYS B 31 6.04 -43.05 -7.21
C LYS B 31 6.52 -41.77 -6.54
N ALA B 32 5.87 -40.64 -6.81
CA ALA B 32 6.26 -39.39 -6.17
C ALA B 32 6.04 -39.41 -4.66
N GLY B 33 5.14 -40.26 -4.18
CA GLY B 33 4.91 -40.34 -2.74
C GLY B 33 4.19 -39.13 -2.21
N PHE B 34 4.39 -38.88 -0.91
CA PHE B 34 3.75 -37.77 -0.23
C PHE B 34 4.28 -36.42 -0.71
N ARG B 35 5.37 -36.39 -1.47
CA ARG B 35 5.87 -35.13 -2.01
C ARG B 35 4.96 -34.54 -3.07
N ILE B 36 3.98 -35.31 -3.56
CA ILE B 36 3.02 -34.79 -4.52
C ILE B 36 1.96 -33.91 -3.88
N LEU B 37 1.92 -33.86 -2.55
CA LEU B 37 0.88 -33.10 -1.86
C LEU B 37 1.08 -31.59 -1.99
N ALA B 38 2.32 -31.12 -1.96
CA ALA B 38 2.55 -29.67 -1.99
C ALA B 38 2.00 -29.02 -3.24
N PRO B 39 2.33 -29.48 -4.45
CA PRO B 39 1.65 -28.91 -5.64
C PRO B 39 0.16 -29.09 -5.59
N THR B 40 -0.31 -30.23 -5.06
CA THR B 40 -1.74 -30.48 -4.96
C THR B 40 -2.41 -29.45 -4.07
N THR B 41 -1.84 -29.18 -2.90
CA THR B 41 -2.43 -28.18 -2.01
C THR B 41 -2.35 -26.78 -2.61
N TYR B 42 -1.22 -26.46 -3.25
CA TYR B 42 -1.08 -25.15 -3.88
C TYR B 42 -2.17 -24.92 -4.92
N ILE B 43 -2.36 -25.89 -5.82
CA ILE B 43 -3.36 -25.72 -6.87
C ILE B 43 -4.77 -25.80 -6.29
N PHE B 44 -4.99 -26.60 -5.25
CA PHE B 44 -6.30 -26.67 -4.63
C PHE B 44 -6.70 -25.32 -4.05
N PHE B 45 -5.76 -24.65 -3.38
CA PHE B 45 -6.05 -23.32 -2.86
C PHE B 45 -6.20 -22.30 -3.98
N ALA B 46 -5.42 -22.46 -5.05
CA ALA B 46 -5.57 -21.56 -6.20
C ALA B 46 -6.94 -21.71 -6.86
N SER B 47 -7.54 -22.90 -6.76
CA SER B 47 -8.79 -23.19 -7.46
C SER B 47 -10.02 -22.92 -6.60
N ALA B 48 -9.99 -23.28 -5.32
CA ALA B 48 -11.20 -23.27 -4.51
C ALA B 48 -11.71 -21.86 -4.27
N ILE B 49 -10.82 -20.94 -3.85
CA ILE B 49 -11.27 -19.61 -3.45
C ILE B 49 -11.97 -18.88 -4.58
N PRO B 50 -11.42 -18.80 -5.79
CA PRO B 50 -12.17 -18.17 -6.88
C PRO B 50 -13.50 -18.84 -7.15
N VAL B 51 -13.58 -20.16 -6.99
CA VAL B 51 -14.84 -20.87 -7.18
C VAL B 51 -15.86 -20.43 -6.14
N ILE B 52 -15.44 -20.30 -4.88
CA ILE B 52 -16.35 -19.83 -3.84
C ILE B 52 -16.81 -18.41 -4.12
N SER B 53 -15.89 -17.55 -4.59
CA SER B 53 -16.26 -16.19 -4.91
C SER B 53 -17.29 -16.16 -6.04
N PHE B 54 -17.08 -16.97 -7.09
CA PHE B 54 -18.04 -17.05 -8.17
C PHE B 54 -19.39 -17.58 -7.68
N GLY B 55 -19.36 -18.53 -6.75
CA GLY B 55 -20.60 -19.03 -6.18
C GLY B 55 -21.38 -17.96 -5.45
N GLU B 56 -20.68 -17.14 -4.65
CA GLU B 56 -21.36 -16.03 -3.98
C GLU B 56 -21.90 -15.03 -4.99
N GLN B 57 -21.12 -14.74 -6.03
CA GLN B 57 -21.60 -13.86 -7.09
C GLN B 57 -22.89 -14.38 -7.70
N LEU B 58 -22.94 -15.68 -8.02
CA LEU B 58 -24.15 -16.27 -8.57
C LEU B 58 -25.30 -16.22 -7.59
N GLU B 59 -25.01 -16.50 -6.31
CA GLU B 59 -26.06 -16.42 -5.28
C GLU B 59 -26.70 -15.04 -5.27
N ARG B 60 -25.89 -13.99 -5.39
CA ARG B 60 -26.44 -12.65 -5.44
C ARG B 60 -27.13 -12.37 -6.78
N SER B 61 -26.69 -13.01 -7.86
CA SER B 61 -27.21 -12.72 -9.18
C SER B 61 -28.33 -13.64 -9.62
N THR B 62 -28.53 -14.77 -8.95
CA THR B 62 -29.54 -15.75 -9.33
C THR B 62 -30.62 -15.92 -8.28
N ASP B 63 -30.73 -14.97 -7.34
CA ASP B 63 -31.74 -15.04 -6.28
C ASP B 63 -31.63 -16.34 -5.50
N GLY B 64 -30.41 -16.81 -5.28
CA GLY B 64 -30.15 -17.97 -4.45
C GLY B 64 -30.32 -19.31 -5.13
N VAL B 65 -30.64 -19.35 -6.42
CA VAL B 65 -30.79 -20.64 -7.10
C VAL B 65 -29.45 -21.35 -7.19
N LEU B 66 -28.40 -20.64 -7.56
CA LEU B 66 -27.05 -21.18 -7.65
C LEU B 66 -26.17 -20.54 -6.59
N THR B 67 -25.36 -21.37 -5.94
CA THR B 67 -24.51 -20.91 -4.84
C THR B 67 -23.14 -21.56 -4.99
N ALA B 68 -22.30 -21.37 -3.96
CA ALA B 68 -20.96 -21.96 -3.99
C ALA B 68 -21.02 -23.48 -3.97
N VAL B 69 -22.10 -24.06 -3.44
CA VAL B 69 -22.24 -25.51 -3.42
C VAL B 69 -22.20 -26.05 -4.85
N GLN B 70 -23.02 -25.47 -5.73
CA GLN B 70 -23.08 -25.95 -7.11
C GLN B 70 -21.76 -25.76 -7.83
N THR B 71 -21.12 -24.60 -7.65
CA THR B 71 -19.85 -24.34 -8.33
C THR B 71 -18.79 -25.33 -7.86
N LEU B 72 -18.70 -25.55 -6.54
CA LEU B 72 -17.73 -26.50 -6.02
C LEU B 72 -17.99 -27.90 -6.54
N ALA B 73 -19.26 -28.32 -6.56
CA ALA B 73 -19.59 -29.66 -7.03
C ALA B 73 -19.21 -29.83 -8.50
N SER B 74 -19.54 -28.83 -9.33
CA SER B 74 -19.20 -28.90 -10.74
C SER B 74 -17.69 -28.97 -10.93
N THR B 75 -16.96 -28.08 -10.26
CA THR B 75 -15.51 -28.09 -10.38
C THR B 75 -14.94 -29.45 -9.99
N ALA B 76 -15.37 -29.98 -8.84
CA ALA B 76 -14.82 -31.25 -8.36
C ALA B 76 -15.13 -32.38 -9.33
N ILE B 77 -16.39 -32.52 -9.73
CA ILE B 77 -16.77 -33.65 -10.58
C ILE B 77 -16.05 -33.57 -11.92
N CYS B 78 -16.05 -32.39 -12.53
CA CYS B 78 -15.39 -32.25 -13.83
C CYS B 78 -13.90 -32.50 -13.72
N GLY B 79 -13.26 -32.00 -12.65
CA GLY B 79 -11.84 -32.23 -12.49
C GLY B 79 -11.50 -33.70 -12.31
N MET B 80 -12.27 -34.41 -11.48
CA MET B 80 -12.02 -35.83 -11.27
C MET B 80 -12.21 -36.62 -12.57
N ILE B 81 -13.30 -36.33 -13.30
CA ILE B 81 -13.55 -37.07 -14.53
C ILE B 81 -12.45 -36.79 -15.56
N HIS B 82 -12.04 -35.52 -15.68
CA HIS B 82 -10.98 -35.18 -16.61
C HIS B 82 -9.67 -35.85 -16.21
N SER B 83 -9.36 -35.89 -14.91
CA SER B 83 -8.15 -36.55 -14.46
C SER B 83 -8.17 -38.02 -14.81
N ILE B 84 -9.31 -38.69 -14.61
CA ILE B 84 -9.37 -40.14 -14.82
C ILE B 84 -9.32 -40.47 -16.31
N ILE B 85 -10.14 -39.80 -17.11
CA ILE B 85 -10.31 -40.17 -18.52
C ILE B 85 -9.93 -39.05 -19.47
N GLY B 86 -9.40 -37.94 -18.96
CA GLY B 86 -9.01 -36.85 -19.83
C GLY B 86 -7.69 -37.10 -20.54
N GLY B 87 -7.41 -36.26 -21.52
CA GLY B 87 -6.20 -36.39 -22.31
C GLY B 87 -5.01 -35.67 -21.70
N GLN B 88 -5.21 -34.44 -21.24
CA GLN B 88 -4.14 -33.63 -20.68
C GLN B 88 -4.41 -33.39 -19.20
N PRO B 89 -3.86 -34.22 -18.30
CA PRO B 89 -4.16 -34.01 -16.86
C PRO B 89 -3.60 -32.71 -16.31
N LEU B 90 -2.61 -32.10 -16.96
CA LEU B 90 -2.08 -30.83 -16.47
C LEU B 90 -3.13 -29.72 -16.53
N LEU B 91 -4.16 -29.88 -17.36
CA LEU B 91 -5.20 -28.88 -17.46
C LEU B 91 -6.10 -28.91 -16.24
N ILE B 92 -6.36 -27.74 -15.66
CA ILE B 92 -7.19 -27.60 -14.47
C ILE B 92 -8.55 -27.05 -14.91
N LEU B 93 -9.62 -27.69 -14.46
CA LEU B 93 -10.98 -27.31 -14.80
C LEU B 93 -11.66 -26.63 -13.62
N GLY B 94 -12.48 -25.64 -13.92
CA GLY B 94 -13.22 -24.95 -12.88
C GLY B 94 -14.22 -23.98 -13.49
N VAL B 95 -15.11 -23.49 -12.65
CA VAL B 95 -16.11 -22.51 -13.07
C VAL B 95 -15.43 -21.17 -13.21
N ALA B 96 -15.66 -20.50 -14.34
CA ALA B 96 -14.99 -19.26 -14.69
C ALA B 96 -16.00 -18.12 -14.72
N GLU B 97 -15.45 -16.90 -14.69
CA GLU B 97 -16.29 -15.70 -14.68
C GLU B 97 -17.18 -15.60 -15.91
N PRO B 98 -16.71 -15.85 -17.14
CA PRO B 98 -17.62 -15.75 -18.29
C PRO B 98 -18.84 -16.64 -18.17
N THR B 99 -18.69 -17.85 -17.63
CA THR B 99 -19.85 -18.70 -17.40
C THR B 99 -20.83 -18.06 -16.43
N VAL B 100 -20.30 -17.43 -15.38
CA VAL B 100 -21.15 -16.73 -14.42
C VAL B 100 -21.92 -15.61 -15.12
N ILE B 101 -21.25 -14.86 -15.98
CA ILE B 101 -21.90 -13.75 -16.68
C ILE B 101 -23.01 -14.27 -17.59
N MET B 102 -22.72 -15.32 -18.35
CA MET B 102 -23.72 -15.88 -19.26
C MET B 102 -24.92 -16.41 -18.48
N TYR B 103 -24.68 -17.09 -17.36
CA TYR B 103 -25.78 -17.59 -16.55
C TYR B 103 -26.58 -16.47 -15.92
N THR B 104 -25.91 -15.37 -15.56
CA THR B 104 -26.65 -14.20 -15.06
C THR B 104 -27.56 -13.63 -16.14
N PHE B 105 -27.05 -13.52 -17.37
CA PHE B 105 -27.89 -13.06 -18.47
C PHE B 105 -29.08 -13.99 -18.67
N MET B 106 -28.83 -15.30 -18.64
CA MET B 106 -29.90 -16.26 -18.84
C MET B 106 -30.95 -16.18 -17.72
N PHE B 107 -30.51 -16.01 -16.48
CA PHE B 107 -31.44 -15.87 -15.38
C PHE B 107 -32.27 -14.61 -15.52
N ASN B 108 -31.64 -13.50 -15.90
CA ASN B 108 -32.39 -12.26 -16.11
C ASN B 108 -33.43 -12.43 -17.21
N PHE B 109 -33.06 -13.11 -18.29
CA PHE B 109 -34.02 -13.37 -19.36
C PHE B 109 -35.18 -14.24 -18.87
N ALA B 110 -34.87 -15.31 -18.14
CA ALA B 110 -35.90 -16.24 -17.71
C ALA B 110 -36.87 -15.59 -16.72
N LYS B 111 -36.35 -14.77 -15.80
CA LYS B 111 -37.19 -14.18 -14.77
C LYS B 111 -38.27 -13.29 -15.38
N ALA B 112 -37.94 -12.59 -16.45
CA ALA B 112 -38.88 -11.65 -17.06
C ALA B 112 -39.91 -12.31 -17.95
N ARG B 113 -39.78 -13.61 -18.23
CA ARG B 113 -40.73 -14.33 -19.06
C ARG B 113 -41.58 -15.26 -18.19
N PRO B 114 -42.89 -15.05 -18.07
CA PRO B 114 -43.69 -15.93 -17.21
C PRO B 114 -43.68 -17.39 -17.65
N GLU B 115 -43.53 -17.64 -18.95
CA GLU B 115 -43.57 -19.02 -19.44
C GLU B 115 -42.47 -19.87 -18.81
N LEU B 116 -41.32 -19.28 -18.52
CA LEU B 116 -40.22 -20.00 -17.87
C LEU B 116 -40.18 -19.73 -16.37
N GLY B 117 -40.03 -18.47 -15.99
CA GLY B 117 -39.96 -18.11 -14.59
C GLY B 117 -38.69 -18.61 -13.92
N ARG B 118 -38.61 -18.38 -12.62
CA ARG B 118 -37.47 -18.85 -11.84
C ARG B 118 -37.48 -20.37 -11.68
N ASP B 119 -38.66 -20.99 -11.72
CA ASP B 119 -38.76 -22.43 -11.49
C ASP B 119 -38.17 -23.25 -12.64
N LEU B 120 -38.15 -22.70 -13.86
CA LEU B 120 -37.65 -23.41 -15.03
C LEU B 120 -36.29 -22.89 -15.50
N PHE B 121 -35.65 -22.03 -14.69
CA PHE B 121 -34.35 -21.50 -15.09
C PHE B 121 -33.32 -22.61 -15.24
N LEU B 122 -33.28 -23.54 -14.29
CA LEU B 122 -32.30 -24.61 -14.35
C LEU B 122 -32.59 -25.56 -15.51
N ALA B 123 -33.87 -25.82 -15.79
CA ALA B 123 -34.21 -26.67 -16.93
C ALA B 123 -33.78 -26.02 -18.25
N TRP B 124 -34.04 -24.71 -18.39
CA TRP B 124 -33.61 -24.01 -19.59
C TRP B 124 -32.10 -24.01 -19.70
N SER B 125 -31.40 -23.87 -18.57
CA SER B 125 -29.95 -23.96 -18.57
C SER B 125 -29.47 -25.35 -18.99
N GLY B 126 -30.19 -26.39 -18.57
CA GLY B 126 -29.84 -27.73 -19.01
C GLY B 126 -29.99 -27.91 -20.50
N TRP B 127 -31.06 -27.36 -21.08
CA TRP B 127 -31.21 -27.42 -22.53
C TRP B 127 -30.09 -26.63 -23.22
N VAL B 128 -29.74 -25.47 -22.66
CA VAL B 128 -28.61 -24.70 -23.20
C VAL B 128 -27.34 -25.54 -23.18
N CYS B 129 -27.11 -26.26 -22.08
CA CYS B 129 -25.93 -27.10 -21.97
C CYS B 129 -25.96 -28.25 -22.96
N VAL B 130 -27.14 -28.80 -23.23
CA VAL B 130 -27.26 -29.86 -24.24
C VAL B 130 -26.83 -29.31 -25.60
N TRP B 131 -27.33 -28.12 -25.95
CA TRP B 131 -26.95 -27.51 -27.22
C TRP B 131 -25.45 -27.24 -27.27
N THR B 132 -24.88 -26.76 -26.17
CA THR B 132 -23.45 -26.50 -26.11
C THR B 132 -22.65 -27.78 -26.29
N ALA B 133 -23.10 -28.87 -25.67
CA ALA B 133 -22.41 -30.14 -25.81
C ALA B 133 -22.45 -30.62 -27.26
N LEU B 134 -23.59 -30.47 -27.93
CA LEU B 134 -23.65 -30.83 -29.34
C LEU B 134 -22.70 -29.99 -30.17
N MET B 135 -22.66 -28.68 -29.91
CA MET B 135 -21.76 -27.80 -30.65
C MET B 135 -20.30 -28.22 -30.44
N LEU B 136 -19.93 -28.53 -29.20
CA LEU B 136 -18.55 -28.94 -28.93
C LEU B 136 -18.23 -30.28 -29.57
N PHE B 137 -19.20 -31.20 -29.59
CA PHE B 137 -19.00 -32.46 -30.30
C PHE B 137 -18.70 -32.20 -31.77
N VAL B 138 -19.50 -31.33 -32.40
CA VAL B 138 -19.28 -31.03 -33.82
C VAL B 138 -17.90 -30.42 -34.03
N LEU B 139 -17.54 -29.45 -33.18
CA LEU B 139 -16.24 -28.80 -33.34
C LEU B 139 -15.09 -29.79 -33.19
N ALA B 140 -15.17 -30.66 -32.18
CA ALA B 140 -14.09 -31.63 -31.97
C ALA B 140 -14.02 -32.63 -33.12
N ILE B 141 -15.16 -33.09 -33.62
CA ILE B 141 -15.17 -34.08 -34.69
C ILE B 141 -14.65 -33.48 -35.98
N CYS B 142 -14.97 -32.22 -36.25
CA CYS B 142 -14.57 -31.59 -37.51
C CYS B 142 -13.14 -31.05 -37.46
N GLY B 143 -12.42 -31.25 -36.35
CA GLY B 143 -11.05 -30.78 -36.26
C GLY B 143 -10.91 -29.28 -36.26
N ALA B 144 -11.83 -28.57 -35.61
CA ALA B 144 -11.72 -27.12 -35.50
C ALA B 144 -10.57 -26.69 -34.61
N CYS B 145 -10.03 -27.59 -33.79
CA CYS B 145 -8.91 -27.26 -32.93
C CYS B 145 -7.58 -27.21 -33.66
N SER B 146 -7.55 -27.60 -34.94
CA SER B 146 -6.33 -27.51 -35.72
C SER B 146 -5.94 -26.07 -36.04
N ILE B 147 -6.83 -25.11 -35.81
CA ILE B 147 -6.58 -23.71 -36.15
C ILE B 147 -6.43 -22.85 -34.88
N ILE B 148 -6.15 -23.47 -33.73
CA ILE B 148 -5.96 -22.72 -32.50
C ILE B 148 -4.71 -21.85 -32.54
N ASN B 149 -3.79 -22.09 -33.49
CA ASN B 149 -2.63 -21.23 -33.63
C ASN B 149 -3.02 -19.80 -33.98
N ARG B 150 -4.23 -19.60 -34.49
CA ARG B 150 -4.73 -18.26 -34.80
C ARG B 150 -5.31 -17.55 -33.59
N PHE B 151 -5.40 -18.23 -32.44
CA PHE B 151 -5.79 -17.57 -31.19
C PHE B 151 -4.58 -16.76 -30.71
N THR B 152 -4.41 -15.61 -31.33
CA THR B 152 -3.21 -14.82 -31.15
C THR B 152 -3.27 -14.01 -29.85
N ARG B 153 -2.21 -13.24 -29.62
CA ARG B 153 -2.08 -12.50 -28.37
C ARG B 153 -3.15 -11.43 -28.22
N VAL B 154 -3.55 -10.79 -29.33
CA VAL B 154 -4.50 -9.68 -29.23
C VAL B 154 -5.79 -10.13 -28.56
N ALA B 155 -6.37 -11.23 -29.04
CA ALA B 155 -7.64 -11.70 -28.50
C ALA B 155 -7.50 -12.14 -27.05
N GLY B 156 -6.45 -12.89 -26.73
CA GLY B 156 -6.28 -13.36 -25.36
C GLY B 156 -6.10 -12.21 -24.37
N GLU B 157 -5.25 -11.25 -24.71
CA GLU B 157 -5.04 -10.12 -23.81
C GLU B 157 -6.29 -9.26 -23.68
N LEU B 158 -7.01 -9.04 -24.80
CA LEU B 158 -8.26 -8.29 -24.71
C LEU B 158 -9.25 -8.98 -23.80
N PHE B 159 -9.40 -10.31 -23.95
CA PHE B 159 -10.31 -11.05 -23.09
C PHE B 159 -9.88 -10.98 -21.63
N GLY B 160 -8.58 -11.10 -21.37
CA GLY B 160 -8.10 -11.01 -20.00
C GLY B 160 -8.40 -9.67 -19.38
N LEU B 161 -8.16 -8.58 -20.11
CA LEU B 161 -8.47 -7.26 -19.58
C LEU B 161 -9.97 -7.09 -19.37
N LEU B 162 -10.79 -7.62 -20.27
CA LEU B 162 -12.23 -7.55 -20.09
C LEU B 162 -12.66 -8.26 -18.81
N ILE B 163 -12.12 -9.46 -18.57
CA ILE B 163 -12.44 -10.18 -17.36
C ILE B 163 -11.94 -9.42 -16.13
N ALA B 164 -10.81 -8.74 -16.23
CA ALA B 164 -10.33 -7.92 -15.12
C ALA B 164 -11.30 -6.78 -14.81
N MET B 165 -11.80 -6.11 -15.85
CA MET B 165 -12.79 -5.07 -15.64
C MET B 165 -14.03 -5.63 -14.97
N LEU B 166 -14.49 -6.81 -15.40
CA LEU B 166 -15.65 -7.42 -14.78
C LEU B 166 -15.39 -7.78 -13.33
N PHE B 167 -14.19 -8.27 -13.01
CA PHE B 167 -13.84 -8.57 -11.63
C PHE B 167 -13.92 -7.32 -10.76
N MET B 168 -13.31 -6.22 -11.22
CA MET B 168 -13.34 -4.99 -10.42
C MET B 168 -14.75 -4.45 -10.29
N GLN B 169 -15.55 -4.56 -11.36
CA GLN B 169 -16.94 -4.13 -11.29
C GLN B 169 -17.71 -4.93 -10.25
N GLN B 170 -17.50 -6.24 -10.20
CA GLN B 170 -18.16 -7.07 -9.20
C GLN B 170 -17.70 -6.71 -7.79
N ALA B 171 -16.41 -6.42 -7.63
CA ALA B 171 -15.91 -6.02 -6.31
C ALA B 171 -16.58 -4.74 -5.85
N ILE B 172 -16.67 -3.74 -6.73
CA ILE B 172 -17.34 -2.49 -6.37
C ILE B 172 -18.80 -2.74 -6.07
N LYS B 173 -19.46 -3.58 -6.87
CA LYS B 173 -20.86 -3.91 -6.65
C LYS B 173 -21.06 -4.49 -5.26
N GLY B 174 -20.24 -5.47 -4.89
CA GLY B 174 -20.39 -6.10 -3.59
C GLY B 174 -20.13 -5.14 -2.45
N LEU B 175 -19.08 -4.32 -2.56
CA LEU B 175 -18.80 -3.36 -1.50
C LEU B 175 -19.92 -2.34 -1.35
N VAL B 176 -20.50 -1.88 -2.46
CA VAL B 176 -21.64 -0.97 -2.37
C VAL B 176 -22.82 -1.65 -1.71
N ASP B 177 -23.12 -2.89 -2.10
CA ASP B 177 -24.26 -3.60 -1.53
C ASP B 177 -24.05 -3.90 -0.05
N GLU B 178 -22.81 -3.98 0.42
CA GLU B 178 -22.57 -4.18 1.84
C GLU B 178 -23.17 -3.07 2.69
N PHE B 179 -23.43 -1.89 2.11
CA PHE B 179 -24.07 -0.80 2.82
C PHE B 179 -25.59 -0.86 2.78
N ARG B 180 -26.17 -1.85 2.11
CA ARG B 180 -27.60 -1.89 1.85
C ARG B 180 -28.22 -3.15 2.45
N ILE B 181 -29.55 -3.15 2.49
CA ILE B 181 -30.30 -4.30 2.99
C ILE B 181 -30.38 -5.35 1.89
N PRO B 182 -30.04 -6.61 2.17
CA PRO B 182 -30.19 -7.65 1.16
C PRO B 182 -31.64 -7.81 0.73
N GLU B 183 -31.82 -8.20 -0.52
CA GLU B 183 -33.17 -8.28 -1.09
C GLU B 183 -34.01 -9.33 -0.38
N ARG B 184 -33.43 -10.47 -0.04
CA ARG B 184 -34.16 -11.61 0.50
C ARG B 184 -33.81 -11.88 1.96
N GLU B 185 -33.71 -10.81 2.75
CA GLU B 185 -33.44 -10.92 4.18
C GLU B 185 -34.48 -10.12 4.96
N ASN B 186 -34.75 -10.57 6.18
CA ASN B 186 -35.72 -9.91 7.03
C ASN B 186 -35.26 -8.49 7.33
N GLN B 187 -36.05 -7.51 6.89
CA GLN B 187 -35.68 -6.10 7.04
C GLN B 187 -35.83 -5.60 8.48
N LYS B 188 -36.45 -6.37 9.36
CA LYS B 188 -36.69 -5.94 10.73
C LYS B 188 -35.57 -6.32 11.69
N LEU B 189 -34.55 -7.04 11.22
CA LEU B 189 -33.45 -7.44 12.08
C LEU B 189 -32.65 -6.21 12.52
N LYS B 190 -32.03 -6.33 13.70
CA LYS B 190 -31.28 -5.22 14.25
C LYS B 190 -30.03 -4.91 13.42
N GLU B 191 -29.44 -5.93 12.80
CA GLU B 191 -28.23 -5.72 12.02
C GLU B 191 -28.47 -4.86 10.79
N PHE B 192 -29.73 -4.69 10.37
CA PHE B 192 -30.05 -3.96 9.16
C PHE B 192 -30.50 -2.53 9.45
N LEU B 193 -30.33 -2.05 10.67
CA LEU B 193 -30.59 -0.64 10.97
C LEU B 193 -29.53 0.21 10.27
N PRO B 194 -29.85 1.49 10.02
CA PRO B 194 -28.89 2.34 9.29
C PRO B 194 -27.51 2.40 9.94
N SER B 195 -27.47 2.48 11.27
CA SER B 195 -26.19 2.56 11.96
C SER B 195 -25.37 1.29 11.77
N TRP B 196 -26.00 0.13 12.01
CA TRP B 196 -25.28 -1.13 11.85
C TRP B 196 -24.94 -1.39 10.39
N ARG B 197 -25.79 -0.97 9.46
CA ARG B 197 -25.47 -1.11 8.04
C ARG B 197 -24.25 -0.28 7.67
N PHE B 198 -24.18 0.96 8.16
CA PHE B 198 -23.03 1.81 7.88
C PHE B 198 -21.76 1.21 8.48
N ALA B 199 -21.86 0.70 9.71
CA ALA B 199 -20.73 0.04 10.34
C ALA B 199 -20.28 -1.18 9.56
N ASN B 200 -21.23 -1.98 9.08
CA ASN B 200 -20.89 -3.15 8.28
C ASN B 200 -20.19 -2.73 6.99
N GLY B 201 -20.66 -1.67 6.35
CA GLY B 201 -20.01 -1.21 5.14
C GLY B 201 -18.57 -0.79 5.36
N MET B 202 -18.33 0.00 6.41
CA MET B 202 -16.97 0.42 6.70
C MET B 202 -16.07 -0.75 7.09
N PHE B 203 -16.60 -1.69 7.88
CA PHE B 203 -15.82 -2.87 8.22
C PHE B 203 -15.49 -3.68 6.97
N ALA B 204 -16.44 -3.78 6.05
CA ALA B 204 -16.20 -4.46 4.78
C ALA B 204 -15.10 -3.77 4.00
N LEU B 205 -15.13 -2.44 3.93
CA LEU B 205 -14.06 -1.72 3.24
C LEU B 205 -12.71 -2.04 3.86
N VAL B 206 -12.62 -1.98 5.19
CA VAL B 206 -11.37 -2.25 5.88
C VAL B 206 -10.86 -3.64 5.52
N LEU B 207 -11.73 -4.65 5.67
CA LEU B 207 -11.31 -6.03 5.44
C LEU B 207 -10.89 -6.25 4.00
N SER B 208 -11.68 -5.74 3.05
CA SER B 208 -11.37 -5.96 1.64
C SER B 208 -10.04 -5.32 1.26
N PHE B 209 -9.83 -4.06 1.66
CA PHE B 209 -8.58 -3.41 1.29
C PHE B 209 -7.38 -4.05 1.98
N GLY B 210 -7.54 -4.47 3.23
CA GLY B 210 -6.46 -5.18 3.90
C GLY B 210 -6.11 -6.46 3.18
N LEU B 211 -7.12 -7.26 2.84
CA LEU B 211 -6.87 -8.49 2.09
C LEU B 211 -6.12 -8.20 0.79
N LEU B 212 -6.63 -7.24 0.02
CA LEU B 212 -6.03 -6.95 -1.29
C LEU B 212 -4.57 -6.54 -1.14
N LEU B 213 -4.29 -5.55 -0.30
CA LEU B 213 -2.94 -5.04 -0.18
C LEU B 213 -2.00 -6.10 0.39
N THR B 214 -2.43 -6.83 1.42
CA THR B 214 -1.58 -7.84 2.01
C THR B 214 -1.26 -8.96 1.02
N GLY B 215 -2.25 -9.39 0.23
CA GLY B 215 -1.98 -10.40 -0.77
C GLY B 215 -1.02 -9.92 -1.84
N LEU B 216 -1.21 -8.67 -2.30
CA LEU B 216 -0.30 -8.13 -3.30
C LEU B 216 1.13 -8.08 -2.77
N ARG B 217 1.31 -7.66 -1.52
CA ARG B 217 2.64 -7.66 -0.93
C ARG B 217 3.18 -9.09 -0.78
N SER B 218 2.34 -10.03 -0.35
CA SER B 218 2.80 -11.39 -0.12
C SER B 218 3.23 -12.07 -1.41
N ARG B 219 2.67 -11.64 -2.55
CA ARG B 219 3.00 -12.33 -3.79
C ARG B 219 4.49 -12.28 -4.11
N LYS B 220 5.23 -11.34 -3.52
CA LYS B 220 6.67 -11.20 -3.76
C LYS B 220 7.49 -11.53 -2.52
N ALA B 221 7.07 -12.52 -1.74
CA ALA B 221 7.77 -12.85 -0.51
C ALA B 221 9.13 -13.49 -0.75
N ARG B 222 9.27 -14.27 -1.81
CA ARG B 222 10.51 -15.00 -2.05
C ARG B 222 11.70 -14.07 -2.32
N SER B 223 11.45 -12.81 -2.66
CA SER B 223 12.52 -11.84 -2.88
C SER B 223 12.90 -11.10 -1.61
N TRP B 224 12.26 -11.40 -0.47
CA TRP B 224 12.56 -10.71 0.76
C TRP B 224 13.90 -11.18 1.33
N ARG B 225 14.48 -10.34 2.19
CA ARG B 225 15.69 -10.65 2.93
C ARG B 225 15.39 -11.02 4.38
N TYR B 226 14.14 -11.32 4.71
CA TYR B 226 13.71 -11.58 6.07
C TYR B 226 13.15 -12.99 6.19
N GLY B 227 13.26 -13.55 7.38
CA GLY B 227 12.73 -14.86 7.66
C GLY B 227 13.55 -15.97 7.03
N THR B 228 12.98 -17.17 7.07
CA THR B 228 13.61 -18.34 6.48
C THR B 228 13.13 -18.56 5.05
N GLY B 229 13.90 -19.35 4.30
CA GLY B 229 13.52 -19.65 2.93
C GLY B 229 12.19 -20.37 2.85
N TRP B 230 11.98 -21.36 3.74
CA TRP B 230 10.72 -22.09 3.74
C TRP B 230 9.55 -21.17 4.06
N LEU B 231 9.73 -20.26 5.02
CA LEU B 231 8.65 -19.34 5.36
C LEU B 231 8.35 -18.39 4.21
N ARG B 232 9.40 -17.90 3.54
CA ARG B 232 9.20 -17.04 2.39
C ARG B 232 8.43 -17.76 1.29
N SER B 233 8.81 -19.01 1.00
CA SER B 233 8.12 -19.78 -0.03
C SER B 233 6.68 -20.04 0.38
N LEU B 234 6.45 -20.36 1.65
CA LEU B 234 5.09 -20.62 2.12
C LEU B 234 4.21 -19.38 1.96
N ILE B 235 4.75 -18.21 2.31
CA ILE B 235 3.98 -16.98 2.14
C ILE B 235 3.71 -16.74 0.67
N ALA B 236 4.74 -16.84 -0.17
CA ALA B 236 4.56 -16.57 -1.59
C ALA B 236 3.55 -17.52 -2.22
N ASP B 237 3.42 -18.73 -1.67
CA ASP B 237 2.53 -19.73 -2.25
C ASP B 237 1.11 -19.64 -1.70
N TYR B 238 0.94 -19.32 -0.42
CA TYR B 238 -0.36 -19.40 0.25
C TYR B 238 -0.74 -18.09 0.93
N GLY B 239 -0.28 -16.95 0.40
CA GLY B 239 -0.68 -15.68 0.98
C GLY B 239 -2.17 -15.44 0.90
N VAL B 240 -2.78 -15.83 -0.22
CA VAL B 240 -4.21 -15.59 -0.42
C VAL B 240 -4.99 -16.32 0.66
N PRO B 241 -4.90 -17.65 0.78
CA PRO B 241 -5.61 -18.33 1.88
C PRO B 241 -5.18 -17.85 3.26
N LEU B 242 -3.88 -17.59 3.44
CA LEU B 242 -3.40 -17.13 4.74
C LEU B 242 -4.01 -15.78 5.10
N MET B 243 -4.03 -14.85 4.13
CA MET B 243 -4.62 -13.54 4.39
C MET B 243 -6.12 -13.66 4.60
N VAL B 244 -6.79 -14.57 3.88
CA VAL B 244 -8.22 -14.78 4.10
C VAL B 244 -8.46 -15.22 5.54
N LEU B 245 -7.67 -16.17 6.02
CA LEU B 245 -7.80 -16.62 7.40
C LEU B 245 -7.52 -15.50 8.38
N VAL B 246 -6.45 -14.72 8.14
CA VAL B 246 -6.08 -13.65 9.05
C VAL B 246 -7.20 -12.62 9.16
N TRP B 247 -7.76 -12.23 8.02
CA TRP B 247 -8.78 -11.19 8.03
C TRP B 247 -10.12 -11.71 8.51
N THR B 248 -10.41 -13.00 8.34
CA THR B 248 -11.56 -13.59 9.02
C THR B 248 -11.40 -13.50 10.53
N GLY B 249 -10.21 -13.86 11.04
CA GLY B 249 -9.95 -13.72 12.45
C GLY B 249 -10.10 -12.29 12.93
N VAL B 250 -9.61 -11.34 12.14
CA VAL B 250 -9.80 -9.93 12.46
C VAL B 250 -11.28 -9.60 12.51
N SER B 251 -12.05 -10.10 11.56
CA SER B 251 -13.49 -9.85 11.54
C SER B 251 -14.17 -10.38 12.78
N TYR B 252 -13.64 -11.46 13.37
CA TYR B 252 -14.25 -12.05 14.54
C TYR B 252 -13.85 -11.37 15.85
N ILE B 253 -12.98 -10.36 15.81
CA ILE B 253 -12.56 -9.70 17.06
C ILE B 253 -13.73 -9.03 17.76
N PRO B 254 -14.55 -8.21 17.11
CA PRO B 254 -15.62 -7.50 17.83
C PRO B 254 -16.90 -8.32 17.94
N ALA B 255 -16.82 -9.63 17.72
CA ALA B 255 -18.01 -10.46 17.66
C ALA B 255 -18.90 -10.29 18.89
N GLY B 256 -18.31 -10.09 20.06
CA GLY B 256 -19.10 -10.02 21.28
C GLY B 256 -19.83 -8.73 21.50
N ASP B 257 -19.41 -7.65 20.84
CA ASP B 257 -20.00 -6.33 21.02
C ASP B 257 -20.85 -5.88 19.83
N VAL B 258 -21.15 -6.78 18.90
CA VAL B 258 -21.92 -6.43 17.71
C VAL B 258 -22.95 -7.51 17.44
N PRO B 259 -24.00 -7.19 16.70
CA PRO B 259 -25.02 -8.20 16.38
C PRO B 259 -24.44 -9.37 15.60
N LYS B 260 -25.30 -10.36 15.36
CA LYS B 260 -24.86 -11.60 14.72
C LYS B 260 -24.32 -11.35 13.32
N GLY B 261 -25.00 -10.51 12.55
CA GLY B 261 -24.66 -10.34 11.15
C GLY B 261 -23.71 -9.19 10.87
N ILE B 262 -22.85 -8.86 11.83
CA ILE B 262 -21.87 -7.80 11.66
C ILE B 262 -20.47 -8.36 11.89
N PRO B 263 -19.64 -8.52 10.85
CA PRO B 263 -19.88 -8.22 9.43
C PRO B 263 -20.67 -9.32 8.72
N ARG B 264 -21.23 -9.03 7.55
CA ARG B 264 -21.96 -10.05 6.80
C ARG B 264 -21.02 -11.16 6.35
N ARG B 265 -21.52 -12.38 6.37
CA ARG B 265 -20.78 -13.56 5.97
C ARG B 265 -21.50 -14.27 4.81
N LEU B 266 -20.91 -15.36 4.34
CA LEU B 266 -21.40 -16.00 3.12
C LEU B 266 -22.87 -16.35 3.23
N PHE B 267 -23.63 -16.00 2.19
CA PHE B 267 -25.06 -16.29 2.15
C PHE B 267 -25.36 -17.71 1.65
N SER B 268 -24.37 -18.38 1.07
CA SER B 268 -24.61 -19.70 0.52
C SER B 268 -25.03 -20.66 1.63
N PRO B 269 -26.08 -21.46 1.43
CA PRO B 269 -26.60 -22.30 2.52
C PRO B 269 -25.73 -23.52 2.75
N ASN B 270 -25.97 -24.17 3.89
CA ASN B 270 -25.29 -25.41 4.23
C ASN B 270 -26.13 -26.58 3.73
N PRO B 271 -25.66 -27.38 2.77
CA PRO B 271 -26.49 -28.47 2.25
C PRO B 271 -26.85 -29.52 3.29
N TRP B 272 -26.05 -29.67 4.35
CA TRP B 272 -26.37 -30.65 5.38
C TRP B 272 -27.73 -30.40 6.01
N SER B 273 -28.12 -29.12 6.13
CA SER B 273 -29.38 -28.80 6.77
C SER B 273 -30.54 -29.37 5.97
N PRO B 274 -31.61 -29.82 6.64
CA PRO B 274 -32.73 -30.43 5.90
C PRO B 274 -33.39 -29.49 4.91
N GLY B 275 -33.30 -28.17 5.11
CA GLY B 275 -33.94 -27.23 4.21
C GLY B 275 -33.29 -27.08 2.86
N ALA B 276 -32.09 -27.61 2.69
CA ALA B 276 -31.38 -27.52 1.42
C ALA B 276 -31.16 -26.07 1.03
N THR B 281 -30.52 -33.35 -10.20
CA THR B 281 -31.11 -33.77 -11.45
C THR B 281 -32.36 -32.94 -11.76
N VAL B 282 -32.48 -32.47 -13.00
CA VAL B 282 -33.58 -31.61 -13.41
C VAL B 282 -34.24 -32.11 -14.69
N VAL B 283 -33.97 -33.35 -15.10
CA VAL B 283 -34.52 -33.84 -16.36
C VAL B 283 -36.04 -33.81 -16.35
N LYS B 284 -36.65 -33.97 -15.17
CA LYS B 284 -38.11 -33.95 -15.10
C LYS B 284 -38.67 -32.61 -15.56
N GLU B 285 -38.05 -31.51 -15.13
CA GLU B 285 -38.50 -30.19 -15.53
C GLU B 285 -38.07 -29.82 -16.94
N MET B 286 -37.03 -30.46 -17.48
CA MET B 286 -36.60 -30.16 -18.84
C MET B 286 -37.70 -30.48 -19.85
N LEU B 287 -38.58 -31.43 -19.51
CA LEU B 287 -39.69 -31.76 -20.38
C LEU B 287 -40.80 -30.72 -20.33
N ASP B 288 -40.96 -30.03 -19.20
CA ASP B 288 -42.01 -29.03 -19.06
C ASP B 288 -41.68 -27.72 -19.77
N VAL B 289 -40.45 -27.54 -20.23
CA VAL B 289 -40.08 -26.29 -20.92
C VAL B 289 -40.76 -26.25 -22.28
N PRO B 290 -41.32 -25.12 -22.70
CA PRO B 290 -41.92 -25.06 -24.03
C PRO B 290 -40.89 -25.32 -25.13
N ILE B 291 -41.37 -25.93 -26.21
CA ILE B 291 -40.48 -26.27 -27.32
C ILE B 291 -39.81 -25.02 -27.89
N VAL B 292 -40.52 -23.90 -27.86
CA VAL B 292 -39.97 -22.67 -28.42
C VAL B 292 -38.72 -22.25 -27.67
N TYR B 293 -38.75 -22.32 -26.33
CA TYR B 293 -37.58 -21.96 -25.56
C TYR B 293 -36.48 -23.00 -25.67
N ILE B 294 -36.86 -24.27 -25.85
CA ILE B 294 -35.86 -25.31 -26.11
C ILE B 294 -35.09 -24.99 -27.38
N ILE B 295 -35.80 -24.60 -28.43
CA ILE B 295 -35.14 -24.21 -29.67
C ILE B 295 -34.31 -22.95 -29.47
N GLY B 296 -34.85 -21.97 -28.74
CA GLY B 296 -34.16 -20.71 -28.55
C GLY B 296 -32.94 -20.81 -27.67
N ALA B 297 -32.80 -21.90 -26.92
CA ALA B 297 -31.59 -22.11 -26.13
C ALA B 297 -30.36 -22.23 -27.02
N PHE B 298 -30.55 -22.47 -28.32
CA PHE B 298 -29.43 -22.54 -29.26
C PHE B 298 -28.60 -21.26 -29.23
N ILE B 299 -29.22 -20.13 -28.94
CA ILE B 299 -28.56 -18.82 -29.05
C ILE B 299 -27.46 -18.72 -28.00
N PRO B 300 -27.78 -18.71 -26.70
CA PRO B 300 -26.71 -18.64 -25.70
C PRO B 300 -25.77 -19.83 -25.74
N ALA B 301 -26.26 -20.98 -26.21
CA ALA B 301 -25.41 -22.17 -26.28
C ALA B 301 -24.25 -21.96 -27.24
N SER B 302 -24.50 -21.30 -28.38
CA SER B 302 -23.42 -21.04 -29.32
C SER B 302 -22.35 -20.15 -28.70
N MET B 303 -22.77 -19.11 -27.99
CA MET B 303 -21.81 -18.22 -27.33
C MET B 303 -21.00 -18.96 -26.28
N ILE B 304 -21.66 -19.78 -25.47
CA ILE B 304 -20.94 -20.54 -24.45
C ILE B 304 -19.96 -21.51 -25.11
N ALA B 305 -20.37 -22.12 -26.23
CA ALA B 305 -19.49 -23.03 -26.94
C ALA B 305 -18.27 -22.30 -27.48
N VAL B 306 -18.47 -21.09 -28.01
CA VAL B 306 -17.33 -20.30 -28.49
C VAL B 306 -16.39 -19.99 -27.33
N LEU B 307 -16.97 -19.57 -26.20
CA LEU B 307 -16.15 -19.25 -25.04
C LEU B 307 -15.31 -20.45 -24.61
N TYR B 308 -15.93 -21.62 -24.55
CA TYR B 308 -15.22 -22.81 -24.09
C TYR B 308 -14.17 -23.24 -25.11
N TYR B 309 -14.52 -23.22 -26.40
CA TYR B 309 -13.56 -23.56 -27.44
C TYR B 309 -12.33 -22.66 -27.37
N PHE B 310 -12.51 -21.38 -27.05
CA PHE B 310 -11.36 -20.50 -26.90
C PHE B 310 -10.58 -20.81 -25.62
N ASP B 311 -11.27 -20.86 -24.48
CA ASP B 311 -10.60 -20.88 -23.19
C ASP B 311 -9.92 -22.22 -22.93
N HIS B 312 -10.60 -23.33 -23.21
CA HIS B 312 -9.99 -24.64 -23.03
C HIS B 312 -8.70 -24.74 -23.81
N SER B 313 -8.74 -24.36 -25.09
CA SER B 313 -7.57 -24.47 -25.95
C SER B 313 -6.45 -23.56 -25.47
N VAL B 314 -6.77 -22.32 -25.10
CA VAL B 314 -5.72 -21.40 -24.66
C VAL B 314 -5.08 -21.90 -23.37
N ALA B 315 -5.89 -22.38 -22.43
CA ALA B 315 -5.34 -22.87 -21.17
C ALA B 315 -4.46 -24.10 -21.40
N SER B 316 -4.90 -25.02 -22.26
CA SER B 316 -4.08 -26.19 -22.56
C SER B 316 -2.77 -25.79 -23.23
N GLN B 317 -2.83 -24.83 -24.16
CA GLN B 317 -1.61 -24.35 -24.80
C GLN B 317 -0.65 -23.76 -23.79
N LEU B 318 -1.15 -22.94 -22.86
CA LEU B 318 -0.30 -22.35 -21.86
C LEU B 318 0.30 -23.41 -20.94
N ALA B 319 -0.50 -24.42 -20.58
CA ALA B 319 0.00 -25.50 -19.75
C ALA B 319 0.98 -26.40 -20.50
N GLN B 320 1.00 -26.35 -21.83
CA GLN B 320 1.85 -27.18 -22.66
C GLN B 320 2.90 -26.35 -23.41
N GLN B 321 3.45 -25.34 -22.74
CA GLN B 321 4.48 -24.52 -23.38
C GLN B 321 5.73 -25.33 -23.64
N LYS B 322 6.38 -25.04 -24.78
CA LYS B 322 7.57 -25.80 -25.17
C LYS B 322 8.70 -25.67 -24.16
N GLU B 323 8.73 -24.58 -23.39
CA GLU B 323 9.80 -24.41 -22.42
C GLU B 323 9.72 -25.42 -21.28
N PHE B 324 8.58 -26.08 -21.10
CA PHE B 324 8.45 -27.11 -20.07
C PHE B 324 9.11 -28.42 -20.48
N ASN B 325 9.45 -28.59 -21.75
CA ASN B 325 10.09 -29.82 -22.24
C ASN B 325 9.24 -31.04 -21.91
N LEU B 326 7.95 -30.95 -22.23
CA LEU B 326 7.06 -32.08 -22.01
C LEU B 326 7.30 -33.16 -23.05
N ARG B 327 7.37 -34.41 -22.58
CA ARG B 327 7.67 -35.55 -23.43
C ARG B 327 6.43 -36.31 -23.89
N LYS B 328 5.23 -35.80 -23.59
CA LYS B 328 4.00 -36.49 -23.97
C LYS B 328 3.15 -35.61 -24.89
N PRO B 329 2.33 -36.23 -25.75
CA PRO B 329 1.64 -35.47 -26.80
C PRO B 329 0.43 -34.70 -26.26
N SER B 330 -0.26 -34.04 -27.19
CA SER B 330 -1.40 -33.20 -26.87
C SER B 330 -2.71 -33.90 -27.26
N SER B 331 -3.80 -33.44 -26.65
CA SER B 331 -5.11 -34.07 -26.79
C SER B 331 -6.21 -33.02 -26.93
N TYR B 332 -5.98 -32.04 -27.79
CA TYR B 332 -6.93 -30.93 -27.92
C TYR B 332 -8.31 -31.41 -28.31
N HIS B 333 -8.41 -32.21 -29.37
CA HIS B 333 -9.71 -32.62 -29.90
C HIS B 333 -10.46 -33.47 -28.90
N TYR B 334 -9.80 -34.50 -28.36
CA TYR B 334 -10.45 -35.35 -27.37
C TYR B 334 -10.81 -34.57 -26.12
N ASP B 335 -9.97 -33.60 -25.74
CA ASP B 335 -10.29 -32.76 -24.58
C ASP B 335 -11.56 -31.96 -24.83
N LEU B 336 -11.72 -31.41 -26.04
CA LEU B 336 -12.93 -30.68 -26.35
C LEU B 336 -14.15 -31.59 -26.34
N LEU B 337 -14.01 -32.81 -26.87
CA LEU B 337 -15.12 -33.76 -26.85
C LEU B 337 -15.52 -34.09 -25.40
N LEU B 338 -14.53 -34.35 -24.56
CA LEU B 338 -14.82 -34.63 -23.15
C LEU B 338 -15.43 -33.41 -22.46
N LEU B 339 -15.01 -32.20 -22.85
CA LEU B 339 -15.64 -31.00 -22.30
C LEU B 339 -17.10 -30.92 -22.69
N GLY B 340 -17.43 -31.29 -23.93
CA GLY B 340 -18.83 -31.34 -24.32
C GLY B 340 -19.62 -32.32 -23.48
N PHE B 341 -19.06 -33.52 -23.27
CA PHE B 341 -19.74 -34.51 -22.43
C PHE B 341 -19.93 -33.98 -21.00
N LEU B 342 -18.89 -33.35 -20.45
CA LEU B 342 -18.98 -32.81 -19.10
C LEU B 342 -20.01 -31.69 -19.01
N THR B 343 -20.09 -30.85 -20.04
CA THR B 343 -21.10 -29.81 -20.07
C THR B 343 -22.50 -30.40 -20.08
N LEU B 344 -22.71 -31.45 -20.87
CA LEU B 344 -24.00 -32.13 -20.87
C LEU B 344 -24.32 -32.67 -19.47
N MET B 345 -23.35 -33.33 -18.84
CA MET B 345 -23.59 -33.90 -17.52
C MET B 345 -23.93 -32.81 -16.50
N CYS B 346 -23.17 -31.72 -16.51
CA CYS B 346 -23.41 -30.64 -15.56
C CYS B 346 -24.77 -29.98 -15.80
N GLY B 347 -25.14 -29.79 -17.06
CA GLY B 347 -26.46 -29.25 -17.35
C GLY B 347 -27.56 -30.15 -16.84
N LEU B 348 -27.40 -31.47 -17.00
CA LEU B 348 -28.40 -32.38 -16.47
C LEU B 348 -28.44 -32.34 -14.94
N LEU B 349 -27.29 -32.19 -14.29
CA LEU B 349 -27.24 -32.19 -12.83
C LEU B 349 -27.70 -30.87 -12.22
N GLY B 350 -27.84 -29.81 -13.02
CA GLY B 350 -28.27 -28.54 -12.49
C GLY B 350 -27.17 -27.68 -11.90
N VAL B 351 -25.94 -27.82 -12.40
CA VAL B 351 -24.81 -27.03 -11.91
C VAL B 351 -24.15 -26.35 -13.10
N PRO B 352 -23.51 -25.19 -12.92
CA PRO B 352 -22.85 -24.55 -14.06
C PRO B 352 -21.69 -25.39 -14.56
N PRO B 353 -21.44 -25.39 -15.87
CA PRO B 353 -20.33 -26.18 -16.41
C PRO B 353 -18.98 -25.57 -16.04
N SER B 354 -17.96 -26.42 -16.08
CA SER B 354 -16.59 -26.02 -15.80
C SER B 354 -15.74 -26.20 -17.06
N ASN B 355 -14.67 -25.40 -17.14
CA ASN B 355 -13.79 -25.42 -18.29
C ASN B 355 -12.39 -25.04 -17.83
N GLY B 356 -11.43 -25.13 -18.76
CA GLY B 356 -10.06 -24.79 -18.48
C GLY B 356 -9.92 -23.36 -17.98
N VAL B 357 -9.11 -23.17 -16.95
CA VAL B 357 -8.98 -21.88 -16.29
C VAL B 357 -7.53 -21.42 -16.35
N ILE B 358 -7.35 -20.11 -16.29
CA ILE B 358 -6.03 -19.47 -16.35
C ILE B 358 -5.91 -18.55 -15.15
N PRO B 359 -4.73 -18.45 -14.51
CA PRO B 359 -3.46 -19.13 -14.79
C PRO B 359 -3.29 -20.42 -13.98
N GLN B 360 -4.41 -21.05 -13.60
CA GLN B 360 -4.31 -22.23 -12.73
C GLN B 360 -3.55 -23.36 -13.41
N SER B 361 -3.82 -23.62 -14.69
CA SER B 361 -3.15 -24.72 -15.37
C SER B 361 -1.65 -24.49 -15.51
N PRO B 362 -1.17 -23.35 -16.03
CA PRO B 362 0.28 -23.12 -16.04
C PRO B 362 0.89 -23.10 -14.67
N MET B 363 0.16 -22.62 -13.65
CA MET B 363 0.68 -22.65 -12.29
C MET B 363 0.85 -24.08 -11.81
N HIS B 364 -0.09 -24.96 -12.15
CA HIS B 364 0.04 -26.38 -11.81
C HIS B 364 1.26 -26.99 -12.48
N THR B 365 1.44 -26.71 -13.79
CA THR B 365 2.58 -27.25 -14.49
C THR B 365 3.89 -26.75 -13.90
N LYS B 366 3.94 -25.46 -13.52
CA LYS B 366 5.11 -24.91 -12.86
C LYS B 366 5.35 -25.60 -11.53
N SER B 367 4.30 -25.82 -10.74
CA SER B 367 4.44 -26.49 -9.46
C SER B 367 4.97 -27.91 -9.64
N LEU B 368 4.69 -28.53 -10.77
CA LEU B 368 5.19 -29.87 -11.06
C LEU B 368 6.53 -29.85 -11.78
N ALA B 369 7.23 -28.72 -11.79
CA ALA B 369 8.47 -28.56 -12.55
C ALA B 369 9.66 -28.41 -11.61
N THR B 370 10.79 -28.99 -12.01
CA THR B 370 12.05 -28.84 -11.29
C THR B 370 13.16 -28.61 -12.31
N LEU B 371 14.22 -27.94 -11.86
CA LEU B 371 15.37 -27.63 -12.70
C LEU B 371 16.52 -28.59 -12.36
N LYS B 372 17.12 -29.17 -13.40
CA LYS B 372 18.22 -30.11 -13.26
C LYS B 372 19.49 -29.38 -13.73
N TYR B 373 20.21 -28.79 -12.79
CA TYR B 373 21.43 -28.07 -13.10
C TYR B 373 22.66 -28.97 -12.92
N PRO B 457 16.49 -26.34 -18.79
CA PRO B 457 16.74 -27.48 -17.90
C PRO B 457 15.51 -27.85 -17.06
N VAL B 458 14.32 -27.66 -17.63
CA VAL B 458 13.09 -27.86 -16.90
C VAL B 458 12.61 -29.30 -17.09
N GLU B 459 12.29 -29.96 -15.99
CA GLU B 459 11.72 -31.31 -16.01
C GLU B 459 10.41 -31.26 -15.26
N VAL B 460 9.35 -31.80 -15.86
CA VAL B 460 8.00 -31.71 -15.31
C VAL B 460 7.52 -33.10 -14.94
N LYS B 461 7.02 -33.25 -13.72
CA LYS B 461 6.42 -34.49 -13.25
C LYS B 461 4.97 -34.50 -13.69
N GLU B 462 4.69 -35.11 -14.84
CA GLU B 462 3.35 -35.14 -15.41
C GLU B 462 2.65 -36.43 -15.03
N GLN B 463 1.49 -36.29 -14.39
CA GLN B 463 0.73 -37.44 -13.91
C GLN B 463 -0.70 -36.99 -13.62
N ARG B 464 -1.54 -37.94 -13.21
CA ARG B 464 -2.97 -37.70 -13.02
C ARG B 464 -3.38 -37.70 -11.55
N VAL B 465 -2.42 -37.72 -10.63
CA VAL B 465 -2.74 -37.82 -9.21
C VAL B 465 -3.03 -36.45 -8.60
N SER B 466 -2.23 -35.43 -8.93
CA SER B 466 -2.41 -34.11 -8.32
C SER B 466 -3.77 -33.53 -8.69
N ASN B 467 -4.16 -33.64 -9.96
CA ASN B 467 -5.45 -33.10 -10.39
C ASN B 467 -6.59 -33.82 -9.69
N LEU B 468 -6.52 -35.14 -9.61
CA LEU B 468 -7.58 -35.91 -8.96
C LEU B 468 -7.70 -35.52 -7.48
N LEU B 469 -6.56 -35.42 -6.79
CA LEU B 469 -6.60 -35.09 -5.37
C LEU B 469 -7.12 -33.68 -5.15
N GLN B 470 -6.70 -32.71 -5.96
CA GLN B 470 -7.17 -31.34 -5.77
C GLN B 470 -8.67 -31.23 -6.07
N SER B 471 -9.14 -31.95 -7.09
CA SER B 471 -10.58 -31.96 -7.38
C SER B 471 -11.36 -32.60 -6.24
N THR B 472 -10.84 -33.70 -5.68
CA THR B 472 -11.51 -34.34 -4.57
C THR B 472 -11.55 -33.43 -3.35
N MET B 473 -10.47 -32.67 -3.11
CA MET B 473 -10.47 -31.73 -2.00
C MET B 473 -11.46 -30.59 -2.23
N VAL B 474 -11.56 -30.11 -3.47
CA VAL B 474 -12.56 -29.09 -3.79
C VAL B 474 -13.96 -29.63 -3.52
N GLY B 475 -14.21 -30.89 -3.89
CA GLY B 475 -15.51 -31.50 -3.61
C GLY B 475 -15.75 -31.64 -2.11
N GLY B 476 -14.74 -32.06 -1.37
CA GLY B 476 -14.89 -32.20 0.06
C GLY B 476 -15.11 -30.88 0.78
N CYS B 477 -14.65 -29.77 0.17
CA CYS B 477 -14.93 -28.46 0.73
C CYS B 477 -16.42 -28.21 0.87
N VAL B 478 -17.24 -28.89 0.08
CA VAL B 478 -18.70 -28.80 0.25
C VAL B 478 -19.09 -29.31 1.63
N ALA B 479 -18.50 -30.44 2.05
CA ALA B 479 -18.77 -30.97 3.38
C ALA B 479 -18.33 -30.00 4.47
N ALA B 480 -17.37 -29.11 4.16
CA ALA B 480 -16.89 -28.12 5.10
C ALA B 480 -17.59 -26.78 4.92
N MET B 481 -18.80 -26.77 4.37
CA MET B 481 -19.51 -25.51 4.17
C MET B 481 -19.68 -24.71 5.45
N PRO B 482 -19.97 -25.31 6.60
CA PRO B 482 -20.06 -24.49 7.83
C PRO B 482 -18.80 -23.70 8.11
N ILE B 483 -17.62 -24.27 7.82
CA ILE B 483 -16.38 -23.55 8.04
C ILE B 483 -16.22 -22.42 7.03
N LEU B 484 -16.57 -22.69 5.76
CA LEU B 484 -16.45 -21.66 4.75
C LEU B 484 -17.42 -20.50 4.99
N LYS B 485 -18.56 -20.78 5.61
CA LYS B 485 -19.54 -19.74 5.86
C LYS B 485 -19.05 -18.68 6.84
N MET B 486 -17.95 -18.93 7.53
CA MET B 486 -17.36 -17.96 8.43
C MET B 486 -16.61 -16.85 7.69
N ILE B 487 -16.37 -17.01 6.40
CA ILE B 487 -15.61 -16.01 5.63
C ILE B 487 -16.51 -14.81 5.36
N PRO B 488 -16.10 -13.60 5.70
CA PRO B 488 -16.89 -12.42 5.31
C PRO B 488 -16.87 -12.21 3.80
N THR B 489 -17.97 -11.65 3.29
CA THR B 489 -18.10 -11.41 1.85
C THR B 489 -17.16 -10.31 1.39
N SER B 490 -16.86 -9.34 2.27
CA SER B 490 -15.92 -8.29 1.92
C SER B 490 -14.57 -8.86 1.52
N VAL B 491 -14.15 -9.95 2.16
CA VAL B 491 -12.88 -10.59 1.78
C VAL B 491 -12.97 -11.13 0.36
N LEU B 492 -14.12 -11.68 -0.02
CA LEU B 492 -14.27 -12.18 -1.39
C LEU B 492 -14.30 -11.05 -2.40
N TRP B 493 -14.90 -9.91 -2.06
CA TRP B 493 -14.84 -8.76 -2.96
C TRP B 493 -13.40 -8.26 -3.11
N GLY B 494 -12.66 -8.22 -2.00
CA GLY B 494 -11.24 -7.89 -2.08
C GLY B 494 -10.48 -8.87 -2.95
N TYR B 495 -10.85 -10.14 -2.89
CA TYR B 495 -10.21 -11.12 -3.77
C TYR B 495 -10.57 -10.88 -5.24
N PHE B 496 -11.80 -10.44 -5.50
CA PHE B 496 -12.16 -10.06 -6.86
C PHE B 496 -11.25 -8.96 -7.36
N ALA B 497 -11.05 -7.92 -6.54
CA ALA B 497 -10.13 -6.85 -6.91
C ALA B 497 -8.71 -7.40 -7.09
N PHE B 498 -8.32 -8.36 -6.24
CA PHE B 498 -7.00 -8.95 -6.33
C PHE B 498 -6.78 -9.65 -7.67
N MET B 499 -7.75 -10.45 -8.10
CA MET B 499 -7.62 -11.10 -9.41
C MET B 499 -7.60 -10.06 -10.52
N ALA B 500 -8.46 -9.05 -10.42
CA ALA B 500 -8.48 -8.00 -11.44
C ALA B 500 -7.10 -7.37 -11.59
N ILE B 501 -6.45 -7.04 -10.47
CA ILE B 501 -5.12 -6.42 -10.54
C ILE B 501 -4.08 -7.44 -11.00
N GLU B 502 -4.16 -8.69 -10.55
CA GLU B 502 -3.18 -9.70 -10.91
C GLU B 502 -3.29 -10.12 -12.38
N SER B 503 -4.36 -9.77 -13.07
CA SER B 503 -4.44 -10.04 -14.50
C SER B 503 -3.54 -9.12 -15.33
N LEU B 504 -3.04 -8.03 -14.75
CA LEU B 504 -2.34 -6.98 -15.49
C LEU B 504 -0.88 -7.29 -15.78
N PRO B 505 -0.08 -7.74 -14.80
CA PRO B 505 1.38 -7.71 -14.94
C PRO B 505 1.94 -8.13 -16.29
N GLY B 506 1.64 -9.34 -16.73
CA GLY B 506 2.23 -9.86 -17.95
C GLY B 506 1.46 -9.53 -19.20
N ASN B 507 0.45 -8.67 -19.09
CA ASN B 507 -0.40 -8.32 -20.22
C ASN B 507 0.24 -7.18 -20.99
N GLN B 508 0.55 -7.41 -22.27
CA GLN B 508 1.17 -6.39 -23.10
C GLN B 508 0.19 -5.30 -23.49
N PHE B 509 -1.11 -5.62 -23.57
CA PHE B 509 -2.11 -4.60 -23.86
C PHE B 509 -2.15 -3.55 -22.75
N TRP B 510 -2.10 -3.99 -21.50
CA TRP B 510 -2.07 -3.06 -20.38
C TRP B 510 -0.82 -2.20 -20.39
N GLU B 511 0.33 -2.82 -20.68
CA GLU B 511 1.58 -2.07 -20.77
C GLU B 511 1.52 -1.03 -21.87
N ARG B 512 0.95 -1.39 -23.02
CA ARG B 512 0.80 -0.44 -24.11
C ARG B 512 -0.16 0.68 -23.75
N ILE B 513 -1.22 0.39 -23.01
CA ILE B 513 -2.11 1.45 -22.53
C ILE B 513 -1.34 2.42 -21.64
N LEU B 514 -0.55 1.88 -20.71
CA LEU B 514 0.24 2.71 -19.82
C LEU B 514 1.22 3.58 -20.60
N LEU B 515 1.86 2.99 -21.62
CA LEU B 515 2.77 3.76 -22.47
C LEU B 515 2.02 4.84 -23.22
N LEU B 516 0.80 4.54 -23.67
CA LEU B 516 -0.03 5.54 -24.35
C LEU B 516 -0.31 6.72 -23.45
N PHE B 517 -0.62 6.47 -22.18
CA PHE B 517 -0.88 7.52 -21.22
C PHE B 517 0.39 8.04 -20.55
N THR B 518 1.56 7.55 -20.96
CA THR B 518 2.81 8.06 -20.43
C THR B 518 3.19 9.37 -21.12
N ALA B 519 3.80 10.25 -20.35
CA ALA B 519 4.22 11.53 -20.90
C ALA B 519 5.35 11.32 -21.91
N PRO B 520 5.37 12.08 -23.01
CA PRO B 520 6.44 11.88 -24.00
C PRO B 520 7.84 12.06 -23.44
N SER B 521 8.03 12.98 -22.50
CA SER B 521 9.35 13.27 -21.95
C SER B 521 9.82 12.25 -20.94
N ARG B 522 8.98 11.27 -20.56
CA ARG B 522 9.31 10.31 -19.52
C ARG B 522 9.36 8.88 -20.02
N ARG B 523 9.51 8.69 -21.34
CA ARG B 523 9.62 7.34 -21.88
C ARG B 523 11.00 6.73 -21.65
N PHE B 524 12.02 7.57 -21.44
CA PHE B 524 13.31 7.04 -21.03
C PHE B 524 13.19 6.25 -19.73
N LYS B 525 12.24 6.64 -18.87
CA LYS B 525 11.98 5.85 -17.68
C LYS B 525 11.48 4.46 -18.06
N VAL B 526 10.61 4.38 -19.07
CA VAL B 526 10.17 3.08 -19.59
C VAL B 526 11.37 2.28 -20.07
N LEU B 527 12.32 2.95 -20.72
CA LEU B 527 13.50 2.27 -21.24
C LEU B 527 14.53 1.94 -20.16
N GLU B 528 14.37 2.47 -18.95
CA GLU B 528 15.33 2.24 -17.88
C GLU B 528 15.11 0.92 -17.14
N ASP B 529 14.05 0.18 -17.48
CA ASP B 529 13.77 -1.09 -16.83
C ASP B 529 13.40 -2.11 -17.90
N TYR B 530 13.08 -3.33 -17.44
CA TYR B 530 12.67 -4.38 -18.36
C TYR B 530 11.45 -3.93 -19.16
N HIS B 531 11.51 -4.15 -20.46
CA HIS B 531 10.48 -3.66 -21.37
C HIS B 531 10.34 -4.61 -22.55
N ALA B 532 9.20 -4.51 -23.22
CA ALA B 532 8.95 -5.33 -24.40
C ALA B 532 9.81 -4.85 -25.56
N THR B 533 10.04 -5.75 -26.52
CA THR B 533 10.91 -5.46 -27.65
C THR B 533 10.28 -4.49 -28.64
N PHE B 534 8.95 -4.52 -28.79
CA PHE B 534 8.32 -3.61 -29.73
C PHE B 534 8.48 -2.15 -29.34
N VAL B 535 8.80 -1.89 -28.07
CA VAL B 535 9.09 -0.51 -27.66
C VAL B 535 10.28 0.03 -28.43
N GLU B 536 11.30 -0.81 -28.63
CA GLU B 536 12.49 -0.41 -29.38
C GLU B 536 12.35 -0.64 -30.88
N THR B 537 11.71 -1.73 -31.29
CA THR B 537 11.68 -2.12 -32.69
C THR B 537 10.46 -1.62 -33.45
N VAL B 538 9.59 -0.83 -32.82
CA VAL B 538 8.40 -0.31 -33.50
C VAL B 538 8.25 1.17 -33.18
N PRO B 539 7.88 2.01 -34.15
CA PRO B 539 7.65 3.43 -33.84
C PRO B 539 6.48 3.60 -32.88
N PHE B 540 6.54 4.68 -32.09
CA PHE B 540 5.51 4.91 -31.08
C PHE B 540 4.16 5.18 -31.72
N LYS B 541 4.11 5.77 -32.92
CA LYS B 541 2.84 6.07 -33.55
C LYS B 541 2.08 4.79 -33.89
N THR B 542 2.79 3.79 -34.42
CA THR B 542 2.14 2.52 -34.73
C THR B 542 1.64 1.84 -33.46
N ILE B 543 2.44 1.86 -32.39
CA ILE B 543 2.02 1.27 -31.13
C ILE B 543 0.78 1.97 -30.62
N ALA B 544 0.76 3.29 -30.66
CA ALA B 544 -0.38 4.05 -30.17
C ALA B 544 -1.63 3.74 -30.98
N MET B 545 -1.51 3.66 -32.30
CA MET B 545 -2.65 3.35 -33.14
C MET B 545 -3.19 1.95 -32.85
N PHE B 546 -2.31 0.97 -32.75
CA PHE B 546 -2.72 -0.40 -32.44
C PHE B 546 -3.42 -0.46 -31.08
N THR B 547 -2.84 0.21 -30.08
CA THR B 547 -3.42 0.21 -28.75
C THR B 547 -4.77 0.92 -28.74
N LEU B 548 -4.91 2.00 -29.51
CA LEU B 548 -6.19 2.69 -29.58
C LEU B 548 -7.27 1.80 -30.19
N PHE B 549 -6.94 1.09 -31.27
CA PHE B 549 -7.91 0.17 -31.85
C PHE B 549 -8.31 -0.91 -30.84
N GLN B 550 -7.32 -1.50 -30.17
CA GLN B 550 -7.62 -2.55 -29.21
C GLN B 550 -8.46 -2.02 -28.05
N THR B 551 -8.15 -0.82 -27.57
CA THR B 551 -8.90 -0.23 -26.46
C THR B 551 -10.33 0.08 -26.88
N THR B 552 -10.54 0.58 -28.09
CA THR B 552 -11.89 0.82 -28.56
C THR B 552 -12.67 -0.49 -28.63
N TYR B 553 -12.05 -1.55 -29.14
CA TYR B 553 -12.71 -2.86 -29.18
C TYR B 553 -13.08 -3.33 -27.77
N LEU B 554 -12.14 -3.20 -26.83
CA LEU B 554 -12.38 -3.65 -25.46
C LEU B 554 -13.52 -2.87 -24.82
N LEU B 555 -13.52 -1.54 -25.00
CA LEU B 555 -14.58 -0.73 -24.40
C LEU B 555 -15.94 -1.04 -25.04
N ILE B 556 -15.95 -1.31 -26.35
CA ILE B 556 -17.20 -1.69 -26.99
C ILE B 556 -17.73 -2.99 -26.40
N CYS B 557 -16.85 -3.97 -26.20
CA CYS B 557 -17.29 -5.23 -25.61
C CYS B 557 -17.79 -5.04 -24.19
N PHE B 558 -17.08 -4.22 -23.41
CA PHE B 558 -17.50 -3.98 -22.02
C PHE B 558 -18.86 -3.30 -21.98
N GLY B 559 -19.09 -2.33 -22.85
CA GLY B 559 -20.40 -1.70 -22.92
C GLY B 559 -21.47 -2.66 -23.38
N LEU B 560 -21.14 -3.53 -24.33
CA LEU B 560 -22.10 -4.55 -24.76
C LEU B 560 -22.51 -5.44 -23.60
N THR B 561 -21.56 -5.74 -22.70
CA THR B 561 -21.90 -6.54 -21.52
C THR B 561 -22.98 -5.89 -20.66
N TRP B 562 -23.19 -4.59 -20.78
CA TRP B 562 -24.18 -3.89 -19.97
C TRP B 562 -25.58 -3.93 -20.58
N ILE B 563 -25.73 -4.35 -21.83
CA ILE B 563 -27.05 -4.41 -22.46
C ILE B 563 -27.79 -5.63 -21.91
N PRO B 564 -29.05 -5.50 -21.50
CA PRO B 564 -29.69 -6.61 -20.77
C PRO B 564 -29.71 -7.93 -21.52
N ILE B 565 -29.96 -7.91 -22.82
CA ILE B 565 -30.13 -9.13 -23.62
C ILE B 565 -29.00 -9.29 -24.62
N ALA B 566 -28.69 -8.24 -25.37
CA ALA B 566 -27.64 -8.31 -26.38
C ALA B 566 -26.26 -8.52 -25.77
N GLY B 567 -26.11 -8.34 -24.45
CA GLY B 567 -24.82 -8.54 -23.81
C GLY B 567 -24.36 -9.99 -23.76
N VAL B 568 -25.20 -10.92 -24.19
CA VAL B 568 -24.85 -12.34 -24.21
C VAL B 568 -24.03 -12.65 -25.46
N MET B 569 -23.73 -11.62 -26.26
CA MET B 569 -23.10 -11.78 -27.56
C MET B 569 -21.61 -11.42 -27.58
N PHE B 570 -21.02 -11.10 -26.43
CA PHE B 570 -19.63 -10.67 -26.44
C PHE B 570 -18.65 -11.76 -26.86
N PRO B 571 -18.91 -13.06 -26.66
CA PRO B 571 -18.00 -14.06 -27.21
C PRO B 571 -17.89 -13.98 -28.73
N LEU B 572 -18.97 -13.58 -29.40
CA LEU B 572 -18.89 -13.37 -30.85
C LEU B 572 -17.90 -12.26 -31.18
N MET B 573 -17.92 -11.17 -30.41
CA MET B 573 -16.95 -10.10 -30.62
C MET B 573 -15.53 -10.59 -30.37
N ILE B 574 -15.34 -11.39 -29.34
CA ILE B 574 -14.01 -11.95 -29.06
C ILE B 574 -13.56 -12.82 -30.23
N MET B 575 -14.45 -13.64 -30.75
CA MET B 575 -14.11 -14.52 -31.87
C MET B 575 -13.78 -13.73 -33.12
N PHE B 576 -14.47 -12.61 -33.35
CA PHE B 576 -14.25 -11.84 -34.56
C PHE B 576 -12.84 -11.29 -34.66
N LEU B 577 -12.09 -11.25 -33.57
CA LEU B 577 -10.73 -10.73 -33.61
C LEU B 577 -9.79 -11.62 -34.41
N ILE B 578 -10.13 -12.90 -34.61
CA ILE B 578 -9.29 -13.81 -35.36
C ILE B 578 -9.28 -13.37 -36.83
N PRO B 579 -10.42 -13.38 -37.52
CA PRO B 579 -10.40 -12.93 -38.92
C PRO B 579 -9.97 -11.48 -39.08
N VAL B 580 -10.29 -10.62 -38.11
CA VAL B 580 -9.86 -9.23 -38.20
C VAL B 580 -8.34 -9.17 -38.22
N ARG B 581 -7.68 -9.83 -37.26
CA ARG B 581 -6.23 -9.85 -37.22
C ARG B 581 -5.66 -10.48 -38.48
N GLN B 582 -6.34 -11.51 -39.01
CA GLN B 582 -5.80 -12.23 -40.15
C GLN B 582 -5.90 -11.47 -41.46
N TYR B 583 -6.92 -10.62 -41.61
CA TYR B 583 -7.21 -9.99 -42.90
C TYR B 583 -7.10 -8.47 -42.87
N LEU B 584 -7.73 -7.80 -41.91
CA LEU B 584 -7.84 -6.34 -41.98
C LEU B 584 -6.56 -5.66 -41.49
N LEU B 585 -6.02 -6.10 -40.35
CA LEU B 585 -4.86 -5.43 -39.77
C LEU B 585 -3.69 -5.36 -40.73
N PRO B 586 -3.34 -6.40 -41.48
CA PRO B 586 -2.21 -6.27 -42.43
C PRO B 586 -2.40 -5.15 -43.43
N ARG B 587 -3.64 -4.82 -43.80
CA ARG B 587 -3.87 -3.69 -44.67
C ARG B 587 -3.39 -2.39 -44.04
N PHE B 588 -3.68 -2.20 -42.75
CA PHE B 588 -3.35 -0.95 -42.07
C PHE B 588 -2.01 -0.99 -41.37
N PHE B 589 -1.38 -2.16 -41.27
CA PHE B 589 -0.11 -2.31 -40.57
C PHE B 589 0.87 -3.07 -41.45
N LYS B 590 2.16 -2.81 -41.22
CA LYS B 590 3.24 -3.26 -42.10
C LYS B 590 3.97 -4.44 -41.46
N GLY B 591 3.43 -5.64 -41.65
CA GLY B 591 4.19 -6.86 -41.45
C GLY B 591 4.89 -6.98 -40.10
N ALA B 592 6.22 -6.85 -40.13
CA ALA B 592 7.02 -7.00 -38.92
C ALA B 592 6.45 -6.23 -37.76
N HIS B 593 5.80 -5.09 -38.02
CA HIS B 593 5.16 -4.34 -36.94
C HIS B 593 4.07 -5.17 -36.28
N LEU B 594 3.20 -5.79 -37.08
CA LEU B 594 2.18 -6.66 -36.52
C LEU B 594 2.80 -7.86 -35.83
N GLN B 595 3.84 -8.44 -36.43
CA GLN B 595 4.49 -9.60 -35.83
C GLN B 595 5.04 -9.27 -34.44
N ASP B 596 5.68 -8.10 -34.30
CA ASP B 596 6.22 -7.70 -33.01
C ASP B 596 5.11 -7.35 -32.03
N LEU B 597 4.06 -6.67 -32.50
CA LEU B 597 2.97 -6.27 -31.63
C LEU B 597 2.00 -7.41 -31.35
N ASP B 598 2.05 -8.48 -32.14
CA ASP B 598 1.17 -9.64 -31.99
C ASP B 598 1.98 -10.92 -32.07
N ALA B 599 3.04 -10.99 -31.26
CA ALA B 599 3.93 -12.13 -31.27
C ALA B 599 3.41 -13.23 -30.37
N ALA B 600 3.49 -14.48 -30.86
CA ALA B 600 3.09 -15.63 -30.06
C ALA B 600 4.03 -15.87 -28.90
N GLU B 601 5.22 -15.26 -28.91
CA GLU B 601 6.20 -15.42 -27.84
C GLU B 601 6.35 -14.09 -27.09
N TYR B 602 6.46 -14.18 -25.77
CA TYR B 602 6.66 -13.00 -24.94
C TYR B 602 8.13 -12.62 -24.98
N GLU B 603 8.46 -11.61 -25.79
CA GLU B 603 9.83 -11.16 -25.96
C GLU B 603 10.08 -9.97 -25.04
N GLU B 604 11.17 -10.04 -24.30
CA GLU B 604 11.56 -9.01 -23.35
C GLU B 604 12.97 -8.53 -23.64
N ALA B 605 13.25 -7.29 -23.26
CA ALA B 605 14.56 -6.69 -23.46
C ALA B 605 15.05 -6.13 -22.12
N PRO B 606 16.36 -6.17 -21.87
CA PRO B 606 16.88 -5.68 -20.59
C PRO B 606 16.95 -4.16 -20.55
N ALA B 607 17.15 -3.65 -19.34
CA ALA B 607 17.26 -2.22 -19.14
C ALA B 607 18.49 -1.67 -19.87
N LEU B 608 18.37 -0.43 -20.34
CA LEU B 608 19.45 0.23 -21.07
C LEU B 608 20.05 1.35 -20.23
N PRO B 609 21.34 1.66 -20.42
CA PRO B 609 21.93 2.82 -19.74
C PRO B 609 21.31 4.12 -20.21
N PHE B 610 21.39 5.13 -19.34
CA PHE B 610 20.83 6.43 -19.67
C PHE B 610 21.39 6.96 -20.98
N ASN B 611 22.69 6.79 -21.21
CA ASN B 611 23.30 7.27 -22.45
C ASN B 611 22.71 6.55 -23.65
N LEU B 612 22.49 5.24 -23.55
CA LEU B 612 21.88 4.49 -24.64
C LEU B 612 20.37 4.66 -24.70
N ALA B 613 19.75 5.19 -23.64
CA ALA B 613 18.32 5.43 -23.64
C ALA B 613 17.93 6.74 -24.34
N ALA B 614 18.89 7.63 -24.58
CA ALA B 614 18.60 8.90 -25.24
C ALA B 614 18.87 8.87 -26.74
N GLU B 615 19.75 7.98 -27.20
CA GLU B 615 20.01 7.87 -28.63
C GLU B 615 18.82 7.26 -29.37
N THR B 616 17.93 6.57 -28.66
CA THR B 616 16.76 5.98 -29.29
C THR B 616 15.74 7.07 -29.66
N GLU B 617 14.93 6.76 -30.66
CA GLU B 617 13.91 7.71 -31.09
C GLU B 617 12.88 7.97 -29.99
N ILE B 618 12.46 6.92 -29.30
CA ILE B 618 11.41 7.06 -28.29
C ILE B 618 11.90 7.91 -27.13
N GLY B 619 13.16 7.74 -26.73
CA GLY B 619 13.72 8.48 -25.61
C GLY B 619 14.52 9.69 -26.02
N SER B 620 14.30 10.18 -27.24
CA SER B 620 15.06 11.30 -27.78
C SER B 620 14.62 12.65 -27.23
N THR B 621 13.53 12.71 -26.49
CA THR B 621 13.00 13.96 -25.94
C THR B 621 13.21 14.03 -24.43
N THR B 622 14.33 13.52 -23.95
CA THR B 622 14.63 13.53 -22.52
C THR B 622 14.75 14.97 -22.02
N SER B 623 14.24 15.22 -20.82
CA SER B 623 14.32 16.52 -20.18
C SER B 623 15.12 16.42 -18.89
N TYR B 624 15.95 17.42 -18.63
CA TYR B 624 16.84 17.37 -17.48
C TYR B 624 16.05 17.53 -16.18
N PRO B 625 16.50 16.92 -15.09
CA PRO B 625 15.76 17.04 -13.82
C PRO B 625 15.88 18.43 -13.22
N GLY B 626 14.88 18.78 -12.42
CA GLY B 626 14.87 20.06 -11.74
C GLY B 626 15.71 20.06 -10.47
N ASP B 627 15.90 21.25 -9.91
CA ASP B 627 16.72 21.39 -8.71
C ASP B 627 16.12 20.63 -7.53
N LEU B 628 14.81 20.76 -7.33
CA LEU B 628 14.17 20.04 -6.24
C LEU B 628 14.18 18.54 -6.48
N GLU B 629 14.03 18.10 -7.74
CA GLU B 629 14.11 16.69 -8.04
C GLU B 629 15.50 16.15 -7.69
N ILE B 630 16.55 16.90 -8.03
CA ILE B 630 17.90 16.47 -7.68
C ILE B 630 18.08 16.43 -6.17
N LEU B 631 17.63 17.47 -5.48
CA LEU B 631 17.85 17.54 -4.03
C LEU B 631 17.05 16.47 -3.28
N ASP B 632 15.93 16.02 -3.84
CA ASP B 632 15.16 14.97 -3.19
C ASP B 632 15.97 13.69 -3.04
N GLU B 633 16.83 13.39 -4.01
CA GLU B 633 17.57 12.13 -4.00
C GLU B 633 18.83 12.21 -3.15
N VAL B 634 19.44 13.39 -3.01
CA VAL B 634 20.70 13.52 -2.30
C VAL B 634 20.53 13.95 -0.85
N MET B 635 19.29 14.15 -0.40
CA MET B 635 19.01 14.57 0.98
C MET B 635 18.10 13.54 1.64
N THR B 636 18.39 13.24 2.90
CA THR B 636 17.58 12.32 3.66
C THR B 636 16.23 12.94 4.02
N ARG B 637 15.18 12.13 3.94
CA ARG B 637 13.84 12.58 4.26
C ARG B 637 13.61 12.73 5.76
N SER B 638 14.34 11.97 6.58
CA SER B 638 14.11 12.00 8.02
C SER B 638 14.62 13.29 8.64
N ARG B 639 15.83 13.73 8.26
CA ARG B 639 16.48 14.87 8.89
C ARG B 639 17.10 15.85 7.90
N GLY B 640 16.91 15.64 6.59
CA GLY B 640 17.51 16.53 5.61
C GLY B 640 19.02 16.50 5.61
N GLU B 641 19.61 15.33 5.76
CA GLU B 641 21.05 15.16 5.75
C GLU B 641 21.52 14.86 4.33
N PHE B 642 22.59 15.53 3.91
CA PHE B 642 23.13 15.32 2.57
C PHE B 642 23.77 13.95 2.47
N ARG B 643 23.41 13.21 1.42
CA ARG B 643 24.00 11.90 1.17
C ARG B 643 25.27 12.05 0.34
N HIS B 644 26.35 11.48 0.85
CA HIS B 644 27.63 11.44 0.15
C HIS B 644 27.84 10.03 -0.38
N THR B 645 28.09 9.92 -1.69
CA THR B 645 28.26 8.63 -2.34
C THR B 645 29.66 8.49 -2.92
#